data_1AVQ
#
_entry.id   1AVQ
#
_cell.length_a   156.700
_cell.length_b   156.700
_cell.length_c   131.700
_cell.angle_alpha   90.00
_cell.angle_beta   90.00
_cell.angle_gamma   90.00
#
_symmetry.space_group_name_H-M   'P 41 21 2'
#
loop_
_entity.id
_entity.type
_entity.pdbx_description
1 polymer 'LAMBDA EXONUCLEASE'
2 non-polymer 'PHOSPHATE ION'
3 non-polymer 'ACETATE ION'
4 water water
#
_entity_poly.entity_id   1
_entity_poly.type   'polypeptide(L)'
_entity_poly.pdbx_seq_one_letter_code
;SHMTPDIILQRTGIDVRAVEQGDDAWHKLRLGVITASEVHNVIAKPRSGKKWPDMKMSYFHTLLAEVCTGVAPEVNAKAL
AWGKQYENDARTLFEFTSGVNVTESPIIYRDESMRTACSPDGLCSDGNGLELKCPFTSRDFMKFRLGGFEAIKSAYMAQV
QYSMWVTRKNAWYFANYDPRMKREGLHYVVIERDEKYMASFDEIVPEFIEKMDEALAEIGFVFGEQWR
;
_entity_poly.pdbx_strand_id   A,B,C
#
loop_
_chem_comp.id
_chem_comp.type
_chem_comp.name
_chem_comp.formula
ACT non-polymer 'ACETATE ION' 'C2 H3 O2 -1'
PO4 non-polymer 'PHOSPHATE ION' 'O4 P -3'
#
# COMPACT_ATOMS: atom_id res chain seq x y z
N SER A 1 28.42 -31.33 -5.74
CA SER A 1 28.59 -31.44 -7.18
C SER A 1 28.07 -30.22 -7.97
N HIS A 2 28.76 -30.03 -9.13
CA HIS A 2 28.57 -28.97 -10.13
C HIS A 2 27.33 -29.09 -10.95
N MET A 3 26.62 -27.98 -11.07
CA MET A 3 25.41 -27.97 -11.86
C MET A 3 25.70 -28.03 -13.36
N THR A 4 24.87 -28.76 -14.13
CA THR A 4 25.03 -28.86 -15.55
C THR A 4 23.68 -28.73 -16.16
N PRO A 5 23.66 -28.32 -17.36
CA PRO A 5 22.44 -28.21 -18.14
C PRO A 5 21.74 -29.54 -18.27
N ASP A 6 22.56 -30.57 -18.28
CA ASP A 6 22.13 -31.92 -18.39
C ASP A 6 21.28 -32.33 -17.22
N ILE A 7 21.71 -31.89 -16.05
CA ILE A 7 20.94 -32.13 -14.87
C ILE A 7 19.59 -31.37 -14.91
N ILE A 8 19.60 -30.10 -15.28
CA ILE A 8 18.33 -29.35 -15.32
C ILE A 8 17.35 -29.94 -16.34
N LEU A 9 17.91 -30.26 -17.44
CA LEU A 9 17.07 -30.80 -18.44
C LEU A 9 16.41 -32.12 -18.03
N GLN A 10 17.17 -33.00 -17.38
CA GLN A 10 16.60 -34.28 -16.99
C GLN A 10 15.66 -34.12 -15.84
N ARG A 11 16.01 -33.27 -14.84
CA ARG A 11 15.05 -33.10 -13.76
C ARG A 11 13.81 -32.29 -14.12
N THR A 12 13.86 -31.34 -15.07
CA THR A 12 12.72 -30.48 -15.32
C THR A 12 12.26 -30.43 -16.72
N GLY A 13 13.02 -31.03 -17.57
CA GLY A 13 12.62 -31.01 -18.97
C GLY A 13 12.91 -29.73 -19.71
N ILE A 14 13.58 -28.80 -19.02
CA ILE A 14 13.88 -27.53 -19.61
C ILE A 14 15.28 -27.40 -20.14
N ASP A 15 15.39 -26.70 -21.27
CA ASP A 15 16.72 -26.45 -21.89
C ASP A 15 17.26 -25.12 -21.45
N VAL A 16 18.16 -25.12 -20.47
CA VAL A 16 18.60 -23.82 -20.00
C VAL A 16 19.07 -22.90 -21.09
N ARG A 17 19.81 -23.46 -21.99
CA ARG A 17 20.31 -22.61 -22.98
C ARG A 17 19.26 -21.91 -23.78
N ALA A 18 18.03 -22.36 -23.74
CA ALA A 18 17.11 -21.58 -24.54
C ALA A 18 16.35 -20.60 -23.69
N VAL A 19 16.59 -20.67 -22.42
CA VAL A 19 15.86 -19.78 -21.57
C VAL A 19 16.23 -18.32 -21.74
N GLU A 20 15.22 -17.46 -21.63
CA GLU A 20 15.36 -16.02 -21.67
C GLU A 20 14.69 -15.34 -20.46
N GLN A 21 15.36 -14.33 -19.85
CA GLN A 21 14.85 -13.64 -18.67
C GLN A 21 13.37 -13.41 -18.81
N GLY A 22 12.58 -13.69 -17.77
CA GLY A 22 11.12 -13.44 -17.88
C GLY A 22 10.30 -14.53 -18.61
N ASP A 23 10.95 -15.42 -19.43
CA ASP A 23 10.33 -16.58 -20.08
C ASP A 23 9.37 -17.27 -19.09
N ASP A 24 8.66 -18.25 -19.61
CA ASP A 24 7.88 -19.06 -18.72
C ASP A 24 8.81 -19.98 -17.95
N ALA A 25 9.79 -20.56 -18.68
CA ALA A 25 10.77 -21.47 -18.08
C ALA A 25 11.62 -20.83 -17.02
N TRP A 26 11.94 -19.59 -17.32
CA TRP A 26 12.72 -18.77 -16.45
C TRP A 26 12.06 -18.71 -15.05
N HIS A 27 10.73 -18.49 -15.02
CA HIS A 27 9.90 -18.47 -13.80
C HIS A 27 9.80 -19.85 -13.11
N LYS A 28 9.49 -20.86 -13.91
CA LYS A 28 9.43 -22.17 -13.33
C LYS A 28 10.75 -22.56 -12.65
N LEU A 29 11.85 -22.31 -13.36
CA LEU A 29 13.15 -22.66 -12.79
C LEU A 29 13.43 -22.03 -11.41
N ARG A 30 12.70 -20.96 -11.08
CA ARG A 30 12.89 -20.27 -9.84
C ARG A 30 11.93 -20.75 -8.72
N LEU A 31 10.87 -21.49 -9.05
CA LEU A 31 10.01 -21.93 -7.97
C LEU A 31 10.70 -22.73 -6.87
N GLY A 32 10.52 -22.28 -5.65
CA GLY A 32 11.04 -22.97 -4.51
C GLY A 32 12.45 -22.66 -4.15
N VAL A 33 13.17 -21.95 -5.03
CA VAL A 33 14.58 -21.66 -4.82
C VAL A 33 14.84 -20.33 -4.13
N ILE A 34 15.93 -20.28 -3.40
CA ILE A 34 16.44 -19.10 -2.70
C ILE A 34 17.34 -18.32 -3.67
N THR A 35 16.76 -17.19 -4.08
CA THR A 35 17.31 -16.26 -5.04
C THR A 35 17.91 -15.00 -4.37
N ALA A 36 18.80 -14.37 -5.12
CA ALA A 36 19.51 -13.19 -4.65
C ALA A 36 18.53 -12.12 -4.35
N SER A 37 17.53 -12.03 -5.20
CA SER A 37 16.58 -10.96 -4.88
C SER A 37 15.95 -11.09 -3.53
N GLU A 38 15.81 -12.29 -3.01
CA GLU A 38 15.06 -12.35 -1.74
C GLU A 38 15.83 -12.75 -0.54
N VAL A 39 17.09 -13.09 -0.71
CA VAL A 39 17.88 -13.64 0.40
C VAL A 39 17.95 -12.77 1.64
N HIS A 40 17.68 -11.54 1.36
CA HIS A 40 17.77 -10.57 2.44
C HIS A 40 16.94 -10.94 3.65
N ASN A 41 15.85 -11.59 3.31
CA ASN A 41 14.90 -12.10 4.25
C ASN A 41 15.52 -13.26 5.06
N VAL A 42 16.35 -14.08 4.39
CA VAL A 42 16.94 -15.25 5.01
C VAL A 42 17.94 -14.84 6.05
N ILE A 43 18.67 -13.84 5.69
CA ILE A 43 19.67 -13.51 6.66
C ILE A 43 19.25 -12.49 7.68
N ALA A 44 18.00 -12.15 7.72
CA ALA A 44 17.54 -11.16 8.67
C ALA A 44 17.67 -11.59 10.10
N LYS A 45 18.06 -10.67 10.99
CA LYS A 45 18.14 -11.11 12.38
C LYS A 45 17.37 -10.27 13.35
N PRO A 46 16.91 -10.92 14.41
CA PRO A 46 16.18 -10.18 15.44
C PRO A 46 17.22 -9.41 16.25
N ARG A 47 16.83 -8.26 16.81
CA ARG A 47 17.69 -7.40 17.63
C ARG A 47 18.48 -8.19 18.69
N SER A 48 17.77 -9.18 19.20
CA SER A 48 18.21 -10.05 20.25
C SER A 48 17.43 -11.33 20.10
N GLY A 49 18.00 -12.41 20.58
CA GLY A 49 17.26 -13.64 20.47
C GLY A 49 17.75 -14.53 19.35
N LYS A 50 16.86 -15.43 18.96
CA LYS A 50 17.18 -16.39 17.92
C LYS A 50 15.96 -16.67 17.08
N LYS A 51 14.95 -15.94 17.44
CA LYS A 51 13.66 -16.04 16.81
C LYS A 51 13.69 -15.53 15.39
N TRP A 52 13.11 -16.28 14.45
CA TRP A 52 13.06 -15.76 13.11
C TRP A 52 12.12 -14.56 13.01
N PRO A 53 12.64 -13.48 12.44
CA PRO A 53 11.82 -12.29 12.22
C PRO A 53 10.70 -12.51 11.19
N ASP A 54 9.68 -11.73 11.35
CA ASP A 54 8.47 -11.84 10.55
C ASP A 54 8.73 -11.94 9.08
N MET A 55 9.69 -11.13 8.63
CA MET A 55 9.98 -11.08 7.21
C MET A 55 10.55 -12.41 6.75
N LYS A 56 11.32 -12.94 7.68
CA LYS A 56 11.91 -14.20 7.54
C LYS A 56 10.85 -15.31 7.52
N MET A 57 9.94 -15.36 8.47
CA MET A 57 8.90 -16.41 8.48
C MET A 57 8.09 -16.32 7.24
N SER A 58 7.93 -15.10 6.90
CA SER A 58 7.10 -14.83 5.82
C SER A 58 7.69 -15.31 4.52
N TYR A 59 8.97 -15.14 4.35
CA TYR A 59 9.48 -15.61 3.06
C TYR A 59 9.52 -17.14 3.09
N PHE A 60 9.70 -17.68 4.28
CA PHE A 60 9.72 -19.12 4.43
C PHE A 60 8.39 -19.72 3.93
N HIS A 61 7.27 -19.18 4.42
CA HIS A 61 5.97 -19.68 3.96
C HIS A 61 5.77 -19.56 2.48
N THR A 62 6.33 -18.48 1.95
CA THR A 62 6.19 -18.17 0.53
C THR A 62 6.86 -19.21 -0.35
N LEU A 63 8.07 -19.58 0.06
CA LEU A 63 8.90 -20.57 -0.67
C LEU A 63 8.21 -21.94 -0.63
N LEU A 64 7.71 -22.29 0.55
CA LEU A 64 7.07 -23.57 0.76
C LEU A 64 5.86 -23.66 -0.11
N ALA A 65 5.10 -22.63 -0.07
CA ALA A 65 3.93 -22.68 -0.83
C ALA A 65 4.21 -22.82 -2.32
N GLU A 66 5.34 -22.27 -2.78
CA GLU A 66 5.66 -22.44 -4.21
C GLU A 66 5.89 -23.94 -4.57
N VAL A 67 6.51 -24.66 -3.61
CA VAL A 67 6.74 -26.07 -3.70
C VAL A 67 5.45 -26.85 -3.79
N CYS A 68 4.56 -26.59 -2.88
CA CYS A 68 3.29 -27.36 -2.86
C CYS A 68 2.19 -26.93 -3.83
N THR A 69 2.31 -25.76 -4.50
CA THR A 69 1.32 -25.35 -5.48
C THR A 69 1.99 -25.43 -6.83
N GLY A 70 3.31 -25.21 -6.90
CA GLY A 70 3.89 -25.18 -8.25
C GLY A 70 3.57 -23.86 -9.04
N VAL A 71 3.10 -22.80 -8.35
CA VAL A 71 2.91 -21.51 -9.01
C VAL A 71 3.42 -20.42 -8.05
N ALA A 72 3.43 -19.19 -8.58
CA ALA A 72 3.76 -17.99 -7.81
C ALA A 72 2.98 -16.85 -8.35
N PRO A 73 2.39 -16.10 -7.45
CA PRO A 73 1.65 -14.88 -7.81
C PRO A 73 2.63 -13.79 -8.30
N GLU A 74 2.04 -12.79 -8.94
CA GLU A 74 2.72 -11.62 -9.48
C GLU A 74 2.54 -10.39 -8.61
N VAL A 75 3.58 -9.57 -8.49
CA VAL A 75 3.43 -8.35 -7.72
C VAL A 75 3.97 -7.13 -8.43
N ASN A 76 3.22 -6.05 -8.33
CA ASN A 76 3.62 -4.84 -9.02
C ASN A 76 4.02 -5.24 -10.39
N ALA A 77 3.03 -5.76 -11.03
CA ALA A 77 3.17 -6.15 -12.38
C ALA A 77 3.84 -5.04 -13.20
N LYS A 78 3.35 -3.81 -12.98
CA LYS A 78 3.79 -2.60 -13.70
C LYS A 78 5.28 -2.35 -13.61
N ALA A 79 5.82 -2.39 -12.41
CA ALA A 79 7.21 -2.17 -12.31
C ALA A 79 7.98 -3.28 -12.99
N LEU A 80 7.49 -4.48 -12.82
CA LEU A 80 8.03 -5.71 -13.37
C LEU A 80 8.14 -5.57 -14.85
N ALA A 81 7.01 -5.19 -15.43
CA ALA A 81 6.93 -5.00 -16.84
C ALA A 81 7.93 -3.92 -17.33
N TRP A 82 7.93 -2.80 -16.60
CA TRP A 82 8.84 -1.72 -16.87
C TRP A 82 10.28 -2.27 -16.92
N GLY A 83 10.72 -2.84 -15.81
CA GLY A 83 12.07 -3.40 -15.75
C GLY A 83 12.32 -4.43 -16.87
N LYS A 84 11.31 -5.19 -17.19
CA LYS A 84 11.54 -6.18 -18.21
C LYS A 84 11.68 -5.55 -19.61
N GLN A 85 10.87 -4.53 -19.86
CA GLN A 85 10.96 -3.82 -21.12
C GLN A 85 12.27 -3.06 -21.47
N TYR A 86 12.92 -2.47 -20.48
CA TYR A 86 14.06 -1.57 -20.65
C TYR A 86 15.41 -2.17 -20.46
N GLU A 87 15.33 -3.40 -20.06
CA GLU A 87 16.53 -4.13 -19.83
C GLU A 87 17.55 -4.15 -20.98
N ASN A 88 17.07 -4.31 -22.23
CA ASN A 88 18.03 -4.44 -23.36
C ASN A 88 18.67 -3.11 -23.67
N ASP A 89 17.83 -2.07 -23.57
CA ASP A 89 18.22 -0.71 -23.73
C ASP A 89 19.33 -0.47 -22.72
N ALA A 90 19.03 -0.85 -21.48
CA ALA A 90 20.03 -0.67 -20.44
C ALA A 90 21.33 -1.39 -20.72
N ARG A 91 21.25 -2.68 -21.08
CA ARG A 91 22.46 -3.44 -21.33
C ARG A 91 23.42 -2.82 -22.34
N THR A 92 22.85 -2.56 -23.52
CA THR A 92 23.64 -1.96 -24.58
C THR A 92 24.20 -0.59 -24.21
N LEU A 93 23.48 0.28 -23.46
CA LEU A 93 24.09 1.56 -23.06
C LEU A 93 25.18 1.29 -22.00
N PHE A 94 24.95 0.30 -21.16
CA PHE A 94 26.04 -0.04 -20.26
C PHE A 94 27.34 -0.49 -20.99
N GLU A 95 27.17 -1.34 -22.04
CA GLU A 95 28.35 -1.84 -22.76
C GLU A 95 29.11 -0.71 -23.36
N PHE A 96 28.40 0.25 -23.92
CA PHE A 96 29.06 1.37 -24.51
C PHE A 96 29.82 2.18 -23.46
N THR A 97 29.13 2.54 -22.43
CA THR A 97 29.72 3.37 -21.38
C THR A 97 30.88 2.74 -20.60
N SER A 98 30.80 1.47 -20.27
CA SER A 98 31.82 0.80 -19.47
C SER A 98 32.91 0.34 -20.36
N GLY A 99 32.52 0.09 -21.58
CA GLY A 99 33.48 -0.44 -22.49
C GLY A 99 33.56 -1.96 -22.37
N VAL A 100 32.67 -2.64 -21.68
CA VAL A 100 32.91 -4.09 -21.68
C VAL A 100 31.88 -4.81 -22.44
N ASN A 101 32.20 -6.02 -22.66
CA ASN A 101 31.27 -6.80 -23.36
C ASN A 101 30.47 -7.65 -22.40
N VAL A 102 29.20 -7.72 -22.75
CA VAL A 102 28.28 -8.49 -21.96
C VAL A 102 27.58 -9.61 -22.68
N THR A 103 27.55 -10.70 -21.96
CA THR A 103 26.93 -11.97 -22.31
C THR A 103 25.78 -12.25 -21.36
N GLU A 104 24.77 -12.91 -21.87
CA GLU A 104 23.58 -13.26 -21.14
C GLU A 104 23.60 -14.57 -20.44
N SER A 105 23.04 -14.55 -19.22
CA SER A 105 22.97 -15.69 -18.33
C SER A 105 21.72 -15.79 -17.52
N PRO A 106 20.85 -16.48 -18.16
CA PRO A 106 19.62 -16.89 -17.60
C PRO A 106 19.58 -16.81 -16.06
N ILE A 107 19.89 -18.03 -15.52
CA ILE A 107 19.90 -18.40 -14.13
C ILE A 107 21.08 -19.27 -13.76
N ILE A 108 21.59 -19.13 -12.57
CA ILE A 108 22.73 -19.93 -12.25
C ILE A 108 22.54 -20.50 -10.88
N TYR A 109 22.71 -21.82 -10.79
CA TYR A 109 22.55 -22.48 -9.50
C TYR A 109 23.90 -22.66 -8.82
N ARG A 110 23.91 -22.53 -7.50
CA ARG A 110 25.15 -22.74 -6.77
C ARG A 110 25.69 -24.18 -6.79
N ASP A 111 24.85 -25.22 -6.94
CA ASP A 111 25.27 -26.63 -6.99
C ASP A 111 24.19 -27.51 -7.55
N GLU A 112 24.48 -28.79 -7.59
CA GLU A 112 23.54 -29.78 -8.15
C GLU A 112 22.21 -29.89 -7.38
N SER A 113 22.19 -29.33 -6.18
CA SER A 113 20.99 -29.38 -5.38
C SER A 113 19.82 -28.54 -5.88
N MET A 114 20.07 -27.56 -6.69
CA MET A 114 19.00 -26.67 -7.16
C MET A 114 18.24 -25.87 -6.10
N ARG A 115 18.83 -25.69 -4.90
CA ARG A 115 18.18 -24.97 -3.78
C ARG A 115 18.48 -23.45 -3.75
N THR A 116 19.59 -22.99 -4.41
CA THR A 116 20.10 -21.65 -4.36
C THR A 116 20.49 -21.15 -5.74
N ALA A 117 20.07 -19.96 -6.12
CA ALA A 117 20.46 -19.52 -7.43
C ALA A 117 20.36 -17.99 -7.61
N CYS A 118 20.85 -17.51 -8.74
CA CYS A 118 20.74 -16.12 -9.11
C CYS A 118 20.53 -16.02 -10.62
N SER A 119 20.05 -14.87 -11.02
CA SER A 119 19.77 -14.53 -12.39
C SER A 119 20.49 -13.22 -12.81
N PRO A 120 21.73 -13.34 -13.13
CA PRO A 120 22.48 -12.13 -13.45
C PRO A 120 21.87 -11.44 -14.65
N ASP A 121 22.04 -10.10 -14.70
CA ASP A 121 21.62 -9.27 -15.85
C ASP A 121 22.67 -9.40 -16.99
N GLY A 122 23.81 -9.99 -16.67
CA GLY A 122 24.84 -10.25 -17.67
C GLY A 122 26.09 -10.76 -16.99
N LEU A 123 26.96 -11.25 -17.83
CA LEU A 123 28.33 -11.68 -17.53
C LEU A 123 29.34 -10.93 -18.43
N CYS A 124 30.21 -10.19 -17.76
CA CYS A 124 31.15 -9.28 -18.42
C CYS A 124 32.49 -9.89 -18.86
N SER A 125 32.96 -9.35 -19.95
CA SER A 125 34.23 -9.76 -20.49
C SER A 125 35.39 -9.68 -19.48
N ASP A 126 35.27 -8.88 -18.47
CA ASP A 126 36.35 -8.81 -17.52
C ASP A 126 36.11 -9.77 -16.38
N GLY A 127 35.20 -10.70 -16.59
CA GLY A 127 34.89 -11.60 -15.51
C GLY A 127 33.88 -11.09 -14.43
N ASN A 128 33.41 -9.84 -14.47
CA ASN A 128 32.47 -9.42 -13.41
C ASN A 128 31.06 -9.72 -13.83
N GLY A 129 30.15 -9.91 -12.82
CA GLY A 129 28.72 -10.10 -13.14
C GLY A 129 28.07 -8.72 -13.30
N LEU A 130 26.80 -8.68 -13.71
CA LEU A 130 26.13 -7.40 -13.88
C LEU A 130 24.67 -7.37 -13.44
N GLU A 131 24.31 -6.32 -12.70
CA GLU A 131 22.96 -6.12 -12.23
C GLU A 131 22.50 -4.77 -12.73
N LEU A 132 21.44 -4.78 -13.51
CA LEU A 132 20.89 -3.58 -14.08
C LEU A 132 19.52 -3.26 -13.60
N LYS A 133 19.32 -2.19 -12.87
CA LYS A 133 17.97 -1.84 -12.53
C LYS A 133 17.47 -0.74 -13.42
N CYS A 134 16.19 -0.87 -13.69
CA CYS A 134 15.44 0.13 -14.40
C CYS A 134 14.37 0.60 -13.41
N PRO A 135 14.75 1.45 -12.48
CA PRO A 135 13.78 1.92 -11.51
C PRO A 135 12.51 2.44 -12.16
N PHE A 136 11.40 1.97 -11.59
CA PHE A 136 10.10 2.36 -12.06
C PHE A 136 9.82 3.88 -11.99
N THR A 137 10.34 4.50 -10.92
CA THR A 137 10.28 5.94 -10.71
C THR A 137 11.64 6.61 -11.00
N SER A 138 11.61 7.75 -11.63
CA SER A 138 12.85 8.47 -11.86
C SER A 138 13.52 8.99 -10.57
N ARG A 139 12.67 9.24 -9.56
CA ARG A 139 13.09 9.69 -8.25
C ARG A 139 14.16 8.76 -7.75
N ASP A 140 13.89 7.48 -7.96
CA ASP A 140 14.90 6.43 -7.55
C ASP A 140 16.16 6.47 -8.34
N PHE A 141 16.03 6.65 -9.64
CA PHE A 141 17.24 6.80 -10.43
C PHE A 141 18.04 7.97 -9.86
N MET A 142 17.35 9.06 -9.56
CA MET A 142 18.08 10.23 -9.07
C MET A 142 18.73 9.95 -7.76
N LYS A 143 18.03 9.20 -6.96
CA LYS A 143 18.63 8.88 -5.68
C LYS A 143 20.00 8.22 -5.81
N PHE A 144 20.08 7.21 -6.68
CA PHE A 144 21.33 6.49 -6.84
C PHE A 144 22.38 7.28 -7.55
N ARG A 145 21.88 8.01 -8.52
CA ARG A 145 22.79 8.77 -9.36
C ARG A 145 23.64 9.71 -8.55
N LEU A 146 22.99 10.30 -7.56
CA LEU A 146 23.56 11.29 -6.70
C LEU A 146 24.13 10.64 -5.48
N GLY A 147 23.46 9.61 -4.97
CA GLY A 147 23.96 8.95 -3.76
C GLY A 147 24.90 7.75 -3.97
N GLY A 148 25.02 7.19 -5.18
CA GLY A 148 25.91 6.07 -5.40
C GLY A 148 25.61 4.87 -4.45
N PHE A 149 26.68 4.18 -4.13
CA PHE A 149 26.79 3.07 -3.25
C PHE A 149 25.91 3.17 -1.99
N GLU A 150 26.33 4.11 -1.18
CA GLU A 150 25.67 4.28 0.06
C GLU A 150 24.20 4.51 -0.11
N ALA A 151 23.76 4.82 -1.32
CA ALA A 151 22.36 5.06 -1.63
C ALA A 151 21.62 3.74 -1.71
N ILE A 152 22.30 2.78 -2.30
CA ILE A 152 21.80 1.45 -2.46
C ILE A 152 21.48 0.72 -1.15
N LYS A 153 20.16 0.47 -1.03
CA LYS A 153 19.56 -0.26 0.08
C LYS A 153 20.07 -1.70 0.30
N SER A 154 20.31 -1.98 1.58
CA SER A 154 20.76 -3.26 2.11
C SER A 154 20.40 -4.49 1.25
N ALA A 155 19.09 -4.57 0.89
CA ALA A 155 18.49 -5.63 0.11
C ALA A 155 19.28 -5.82 -1.13
N TYR A 156 19.66 -4.63 -1.71
CA TYR A 156 20.52 -4.59 -2.88
C TYR A 156 21.92 -5.10 -2.59
N MET A 157 22.43 -4.73 -1.46
CA MET A 157 23.77 -5.23 -1.23
C MET A 157 23.75 -6.75 -1.04
N ALA A 158 22.74 -7.21 -0.29
CA ALA A 158 22.68 -8.66 -0.05
C ALA A 158 22.52 -9.40 -1.37
N GLN A 159 21.66 -8.82 -2.21
CA GLN A 159 21.45 -9.37 -3.52
C GLN A 159 22.74 -9.45 -4.34
N VAL A 160 23.54 -8.38 -4.23
CA VAL A 160 24.76 -8.37 -4.99
C VAL A 160 25.79 -9.38 -4.46
N GLN A 161 25.87 -9.46 -3.13
CA GLN A 161 26.78 -10.39 -2.47
C GLN A 161 26.35 -11.86 -2.68
N TYR A 162 25.08 -12.16 -2.57
CA TYR A 162 24.65 -13.47 -2.86
C TYR A 162 24.99 -13.89 -4.29
N SER A 163 24.85 -12.99 -5.26
CA SER A 163 25.16 -13.35 -6.66
C SER A 163 26.57 -13.75 -6.77
N MET A 164 27.41 -13.09 -5.93
CA MET A 164 28.83 -13.44 -5.97
C MET A 164 29.07 -14.75 -5.30
N TRP A 165 28.37 -15.00 -4.14
CA TRP A 165 28.45 -16.27 -3.42
C TRP A 165 28.06 -17.45 -4.34
N VAL A 166 26.90 -17.30 -4.95
CA VAL A 166 26.47 -18.36 -5.87
C VAL A 166 27.42 -18.58 -7.00
N THR A 167 27.88 -17.54 -7.65
CA THR A 167 28.72 -17.76 -8.85
C THR A 167 30.22 -17.84 -8.53
N ARG A 168 30.62 -17.47 -7.31
CA ARG A 168 32.03 -17.42 -7.01
C ARG A 168 32.86 -16.39 -7.76
N LYS A 169 32.34 -15.20 -8.03
CA LYS A 169 33.07 -14.14 -8.67
C LYS A 169 33.57 -13.12 -7.65
N ASN A 170 34.49 -12.27 -8.11
CA ASN A 170 35.04 -11.31 -7.16
C ASN A 170 34.45 -9.91 -7.10
N ALA A 171 33.74 -9.53 -8.16
CA ALA A 171 33.09 -8.24 -8.21
C ALA A 171 31.93 -8.25 -9.15
N TRP A 172 31.15 -7.24 -8.90
CA TRP A 172 29.93 -7.10 -9.62
C TRP A 172 29.61 -5.63 -9.88
N TYR A 173 29.13 -5.37 -11.09
CA TYR A 173 28.69 -4.06 -11.47
C TYR A 173 27.24 -3.90 -11.09
N PHE A 174 26.92 -2.75 -10.56
CA PHE A 174 25.55 -2.41 -10.27
C PHE A 174 25.19 -1.10 -11.02
N ALA A 175 24.22 -1.15 -11.89
CA ALA A 175 23.83 0.03 -12.63
C ALA A 175 22.35 0.33 -12.54
N ASN A 176 22.03 1.58 -12.90
CA ASN A 176 20.66 2.10 -13.05
C ASN A 176 20.48 2.70 -14.42
N TYR A 177 19.28 2.53 -14.99
CA TYR A 177 18.89 3.05 -16.29
C TYR A 177 17.52 3.72 -16.27
N ASP A 178 17.43 4.89 -16.93
CA ASP A 178 16.16 5.59 -17.02
C ASP A 178 15.99 6.16 -18.41
N PRO A 179 15.17 5.50 -19.15
CA PRO A 179 14.89 5.86 -20.53
C PRO A 179 14.25 7.22 -20.69
N ARG A 180 13.69 7.75 -19.61
CA ARG A 180 13.05 9.00 -19.67
C ARG A 180 14.06 10.12 -19.54
N MET A 181 15.28 9.82 -19.17
CA MET A 181 16.24 10.87 -18.99
C MET A 181 16.63 11.51 -20.29
N LYS A 182 16.52 12.83 -20.38
CA LYS A 182 16.94 13.44 -21.64
C LYS A 182 18.38 13.02 -22.10
N ARG A 183 19.34 12.98 -21.15
CA ARG A 183 20.72 12.59 -21.41
C ARG A 183 21.22 12.02 -20.12
N GLU A 184 22.39 11.38 -20.12
CA GLU A 184 22.90 10.78 -18.90
C GLU A 184 21.97 9.74 -18.32
N GLY A 185 21.29 8.96 -19.12
CA GLY A 185 20.35 8.04 -18.43
C GLY A 185 20.91 6.70 -17.85
N LEU A 186 22.23 6.57 -17.79
CA LEU A 186 22.87 5.41 -17.27
C LEU A 186 23.91 5.78 -16.20
N HIS A 187 23.86 5.17 -15.04
CA HIS A 187 24.84 5.40 -14.03
C HIS A 187 25.25 4.08 -13.39
N TYR A 188 26.51 3.88 -13.06
CA TYR A 188 26.81 2.63 -12.37
C TYR A 188 28.01 2.60 -11.42
N VAL A 189 28.13 1.55 -10.62
CA VAL A 189 29.25 1.33 -9.68
C VAL A 189 29.77 -0.11 -9.74
N VAL A 190 30.87 -0.39 -9.03
CA VAL A 190 31.45 -1.72 -8.93
C VAL A 190 31.48 -2.14 -7.52
N ILE A 191 30.98 -3.32 -7.26
CA ILE A 191 31.00 -3.82 -5.90
C ILE A 191 31.90 -5.02 -5.74
N GLU A 192 32.71 -4.96 -4.75
CA GLU A 192 33.69 -6.02 -4.57
C GLU A 192 33.14 -7.11 -3.67
N ARG A 193 33.59 -8.33 -3.84
CA ARG A 193 33.09 -9.41 -2.96
C ARG A 193 33.34 -9.16 -1.47
N ASP A 194 32.42 -9.54 -0.59
CA ASP A 194 32.67 -9.32 0.84
C ASP A 194 32.53 -10.59 1.66
N GLU A 195 33.65 -11.05 2.21
CA GLU A 195 33.73 -12.25 3.06
C GLU A 195 32.79 -12.32 4.23
N LYS A 196 32.54 -11.18 4.85
CA LYS A 196 31.58 -11.15 5.93
C LYS A 196 30.23 -11.61 5.47
N TYR A 197 29.88 -11.31 4.22
CA TYR A 197 28.61 -11.80 3.68
C TYR A 197 28.65 -13.29 3.29
N MET A 198 29.78 -13.68 2.67
CA MET A 198 30.03 -15.05 2.25
C MET A 198 29.79 -16.00 3.38
N ALA A 199 30.39 -15.62 4.46
CA ALA A 199 30.32 -16.41 5.66
C ALA A 199 28.91 -16.55 6.21
N SER A 200 28.25 -15.46 6.28
CA SER A 200 26.90 -15.43 6.77
C SER A 200 26.05 -16.40 5.94
N PHE A 201 26.20 -16.31 4.62
CA PHE A 201 25.45 -17.17 3.72
C PHE A 201 25.76 -18.63 4.04
N ASP A 202 27.04 -18.86 4.11
CA ASP A 202 27.54 -20.17 4.45
C ASP A 202 26.94 -20.73 5.73
N GLU A 203 26.70 -19.92 6.68
CA GLU A 203 26.16 -20.51 7.85
C GLU A 203 24.64 -20.66 7.82
N ILE A 204 23.99 -19.53 7.54
CA ILE A 204 22.55 -19.43 7.61
C ILE A 204 21.78 -20.18 6.58
N VAL A 205 22.26 -20.09 5.35
CA VAL A 205 21.50 -20.69 4.27
C VAL A 205 21.20 -22.17 4.43
N PRO A 206 22.22 -22.90 4.70
CA PRO A 206 22.09 -24.32 4.83
C PRO A 206 21.05 -24.70 5.89
N GLU A 207 21.06 -23.96 6.97
CA GLU A 207 20.07 -24.18 7.98
C GLU A 207 18.61 -23.87 7.55
N PHE A 208 18.45 -22.83 6.76
CA PHE A 208 17.14 -22.44 6.28
C PHE A 208 16.53 -23.59 5.40
N ILE A 209 17.40 -24.15 4.55
CA ILE A 209 17.09 -25.32 3.69
C ILE A 209 16.55 -26.55 4.50
N GLU A 210 17.25 -26.90 5.59
CA GLU A 210 16.84 -27.97 6.50
C GLU A 210 15.46 -27.81 7.12
N LYS A 211 15.18 -26.54 7.56
CA LYS A 211 13.90 -26.22 8.14
C LYS A 211 12.87 -26.41 7.10
N MET A 212 13.21 -26.02 5.90
CA MET A 212 12.24 -26.17 4.83
C MET A 212 11.90 -27.67 4.62
N ASP A 213 12.95 -28.46 4.52
CA ASP A 213 12.82 -29.90 4.38
C ASP A 213 11.97 -30.50 5.49
N GLU A 214 12.15 -30.00 6.70
CA GLU A 214 11.33 -30.51 7.79
C GLU A 214 9.88 -30.20 7.68
N ALA A 215 9.59 -28.96 7.31
CA ALA A 215 8.19 -28.55 7.17
C ALA A 215 7.49 -29.24 6.03
N LEU A 216 8.16 -29.44 4.92
CA LEU A 216 7.51 -30.11 3.78
C LEU A 216 7.18 -31.56 4.08
N ALA A 217 8.10 -32.22 4.77
CA ALA A 217 7.90 -33.64 5.08
C ALA A 217 6.66 -33.80 5.97
N GLU A 218 6.55 -32.83 6.83
CA GLU A 218 5.49 -32.83 7.74
C GLU A 218 4.15 -32.77 7.08
N ILE A 219 4.08 -32.24 5.88
CA ILE A 219 2.76 -32.19 5.22
C ILE A 219 2.74 -33.08 4.02
N GLY A 220 3.78 -33.94 4.00
CA GLY A 220 4.01 -34.94 3.03
C GLY A 220 4.45 -34.51 1.63
N PHE A 221 5.22 -33.46 1.56
CA PHE A 221 5.62 -33.10 0.22
C PHE A 221 7.11 -33.27 0.23
N VAL A 222 7.69 -33.33 -0.94
CA VAL A 222 9.14 -33.33 -1.05
C VAL A 222 9.62 -32.20 -2.00
N PHE A 223 10.75 -31.57 -1.67
CA PHE A 223 11.26 -30.51 -2.52
C PHE A 223 11.39 -30.96 -3.93
N GLY A 224 10.95 -30.21 -4.92
CA GLY A 224 11.12 -30.72 -6.26
C GLY A 224 9.77 -30.99 -6.90
N GLU A 225 8.71 -31.21 -6.08
CA GLU A 225 7.40 -31.54 -6.68
C GLU A 225 6.93 -30.45 -7.67
N GLN A 226 7.55 -29.29 -7.52
CA GLN A 226 7.19 -28.13 -8.35
C GLN A 226 7.59 -28.32 -9.78
N TRP A 227 8.52 -29.24 -10.07
CA TRP A 227 8.96 -29.41 -11.44
C TRP A 227 8.36 -30.61 -12.09
N ARG A 228 7.48 -31.23 -11.36
CA ARG A 228 6.81 -32.38 -11.91
C ARG A 228 6.11 -32.04 -13.25
N SER B 1 -33.98 -7.01 24.74
CA SER B 1 -34.82 -7.92 23.98
C SER B 1 -34.20 -8.49 22.69
N HIS B 2 -34.68 -9.65 22.33
CA HIS B 2 -34.24 -10.33 21.18
C HIS B 2 -34.75 -9.75 19.91
N MET B 3 -33.96 -10.02 18.87
CA MET B 3 -34.25 -9.61 17.52
C MET B 3 -35.18 -10.62 16.88
N THR B 4 -35.98 -10.20 15.90
CA THR B 4 -36.91 -11.06 15.21
C THR B 4 -37.06 -10.54 13.80
N PRO B 5 -37.57 -11.36 12.96
CA PRO B 5 -37.76 -10.90 11.63
C PRO B 5 -38.73 -9.77 11.54
N ASP B 6 -39.71 -9.73 12.43
CA ASP B 6 -40.65 -8.65 12.35
C ASP B 6 -40.04 -7.26 12.60
N ILE B 7 -39.10 -7.21 13.51
CA ILE B 7 -38.52 -5.94 13.78
C ILE B 7 -37.90 -5.37 12.51
N ILE B 8 -37.04 -6.19 11.94
CA ILE B 8 -36.31 -5.84 10.73
C ILE B 8 -37.28 -5.47 9.65
N LEU B 9 -38.29 -6.24 9.57
CA LEU B 9 -39.13 -5.93 8.49
C LEU B 9 -39.79 -4.62 8.72
N GLN B 10 -40.08 -4.38 9.96
CA GLN B 10 -40.83 -3.21 10.25
C GLN B 10 -39.98 -2.02 10.24
N ARG B 11 -38.78 -2.18 10.74
CA ARG B 11 -37.87 -1.07 10.71
C ARG B 11 -37.19 -0.76 9.34
N THR B 12 -36.99 -1.72 8.48
CA THR B 12 -36.25 -1.48 7.26
C THR B 12 -36.98 -1.91 6.02
N GLY B 13 -38.09 -2.57 6.15
CA GLY B 13 -38.69 -2.99 4.89
C GLY B 13 -38.15 -4.30 4.29
N ILE B 14 -37.14 -4.93 4.93
CA ILE B 14 -36.55 -6.13 4.40
C ILE B 14 -36.94 -7.42 5.08
N ASP B 15 -37.05 -8.47 4.19
CA ASP B 15 -37.26 -9.87 4.52
C ASP B 15 -35.98 -10.63 4.80
N VAL B 16 -35.64 -10.65 6.07
CA VAL B 16 -34.45 -11.29 6.48
C VAL B 16 -34.35 -12.74 6.02
N ARG B 17 -35.45 -13.48 6.04
CA ARG B 17 -35.21 -14.84 5.61
C ARG B 17 -34.70 -14.89 4.20
N ALA B 18 -35.18 -13.97 3.35
CA ALA B 18 -34.76 -13.98 1.96
C ALA B 18 -33.27 -13.56 1.63
N VAL B 19 -32.62 -12.88 2.50
CA VAL B 19 -31.26 -12.44 2.35
C VAL B 19 -30.22 -13.53 2.17
N GLU B 20 -29.35 -13.22 1.21
CA GLU B 20 -28.21 -14.03 0.84
C GLU B 20 -26.92 -13.28 1.07
N GLN B 21 -25.92 -13.95 1.53
CA GLN B 21 -24.71 -13.18 1.68
C GLN B 21 -24.34 -12.41 0.42
N GLY B 22 -23.92 -11.17 0.64
CA GLY B 22 -23.54 -10.37 -0.51
C GLY B 22 -24.71 -9.78 -1.29
N ASP B 23 -25.93 -10.05 -0.84
CA ASP B 23 -27.16 -9.47 -1.37
C ASP B 23 -27.09 -7.93 -1.22
N ASP B 24 -27.88 -7.20 -2.01
CA ASP B 24 -28.01 -5.77 -1.84
C ASP B 24 -28.49 -5.44 -0.40
N ALA B 25 -29.48 -6.22 0.05
CA ALA B 25 -30.08 -6.05 1.38
C ALA B 25 -29.10 -6.39 2.48
N TRP B 26 -28.31 -7.41 2.11
CA TRP B 26 -27.27 -7.97 2.92
C TRP B 26 -26.33 -6.84 3.29
N HIS B 27 -26.05 -6.05 2.29
CA HIS B 27 -25.17 -4.93 2.48
C HIS B 27 -25.92 -3.84 3.28
N LYS B 28 -27.15 -3.54 2.85
CA LYS B 28 -28.00 -2.59 3.55
C LYS B 28 -28.06 -2.88 5.04
N LEU B 29 -28.37 -4.13 5.35
CA LEU B 29 -28.44 -4.57 6.74
C LEU B 29 -27.16 -4.36 7.52
N ARG B 30 -26.00 -4.17 6.85
CA ARG B 30 -24.72 -3.98 7.60
C ARG B 30 -24.29 -2.50 7.87
N LEU B 31 -24.96 -1.59 7.14
CA LEU B 31 -24.62 -0.19 7.27
C LEU B 31 -24.71 0.35 8.70
N GLY B 32 -23.63 0.90 9.24
CA GLY B 32 -23.64 1.50 10.55
C GLY B 32 -23.41 0.48 11.61
N VAL B 33 -23.45 -0.78 11.21
CA VAL B 33 -23.27 -1.85 12.18
C VAL B 33 -21.87 -2.27 12.49
N ILE B 34 -21.62 -2.53 13.75
CA ILE B 34 -20.31 -3.06 14.13
C ILE B 34 -20.29 -4.60 13.88
N THR B 35 -19.51 -5.02 12.91
CA THR B 35 -19.36 -6.43 12.56
C THR B 35 -18.18 -7.15 13.19
N ALA B 36 -18.25 -8.46 13.06
CA ALA B 36 -17.20 -9.32 13.60
C ALA B 36 -15.78 -9.04 13.00
N SER B 37 -15.71 -8.91 11.68
CA SER B 37 -14.46 -8.61 10.98
C SER B 37 -13.88 -7.27 11.37
N GLU B 38 -14.68 -6.29 11.82
CA GLU B 38 -14.12 -4.99 12.16
C GLU B 38 -13.88 -4.74 13.64
N VAL B 39 -14.47 -5.57 14.48
CA VAL B 39 -14.36 -5.38 15.94
C VAL B 39 -12.96 -5.14 16.54
N HIS B 40 -11.96 -5.69 15.91
CA HIS B 40 -10.57 -5.56 16.35
C HIS B 40 -10.23 -4.09 16.52
N ASN B 41 -10.77 -3.33 15.60
CA ASN B 41 -10.58 -1.89 15.70
C ASN B 41 -11.25 -1.31 16.92
N VAL B 42 -12.43 -1.76 17.24
CA VAL B 42 -13.07 -1.16 18.38
C VAL B 42 -12.38 -1.59 19.66
N ILE B 43 -11.85 -2.79 19.66
CA ILE B 43 -11.24 -3.21 20.91
C ILE B 43 -9.82 -2.72 21.15
N ALA B 44 -9.20 -2.20 20.10
CA ALA B 44 -7.84 -1.68 20.13
C ALA B 44 -7.49 -0.69 21.26
N LYS B 45 -6.35 -0.94 21.90
CA LYS B 45 -5.91 -0.03 22.95
C LYS B 45 -4.51 0.52 22.70
N PRO B 46 -4.22 1.64 23.35
CA PRO B 46 -2.93 2.26 23.27
C PRO B 46 -2.09 1.67 24.40
N ARG B 47 -0.84 1.40 24.08
CA ARG B 47 0.17 0.86 24.97
C ARG B 47 0.08 1.37 26.40
N SER B 48 -0.51 2.57 26.53
CA SER B 48 -0.73 3.40 27.74
C SER B 48 -1.51 4.65 27.35
N GLY B 49 -2.21 5.19 28.33
CA GLY B 49 -3.04 6.34 28.03
C GLY B 49 -4.41 5.78 27.67
N LYS B 50 -5.48 6.60 27.69
CA LYS B 50 -6.83 6.09 27.38
C LYS B 50 -7.33 6.55 25.99
N LYS B 51 -6.39 7.16 25.23
CA LYS B 51 -6.56 7.69 23.90
C LYS B 51 -6.71 6.63 22.82
N TRP B 52 -7.68 6.85 21.96
CA TRP B 52 -7.96 5.95 20.92
C TRP B 52 -6.85 5.88 19.91
N PRO B 53 -6.63 4.65 19.42
CA PRO B 53 -5.63 4.43 18.40
C PRO B 53 -6.15 4.84 17.08
N ASP B 54 -5.23 5.05 16.20
CA ASP B 54 -5.58 5.53 14.93
C ASP B 54 -6.62 4.66 14.21
N MET B 55 -6.41 3.36 14.23
CA MET B 55 -7.35 2.44 13.56
C MET B 55 -8.78 2.48 14.16
N LYS B 56 -8.85 2.71 15.45
CA LYS B 56 -10.10 2.86 16.15
C LYS B 56 -10.89 4.07 15.64
N MET B 57 -10.25 5.28 15.71
CA MET B 57 -10.84 6.57 15.23
C MET B 57 -11.22 6.51 13.78
N SER B 58 -10.41 5.80 13.09
CA SER B 58 -10.72 5.63 11.73
C SER B 58 -11.99 4.81 11.48
N TYR B 59 -12.08 3.63 12.11
CA TYR B 59 -13.24 2.78 11.91
C TYR B 59 -14.45 3.57 12.38
N PHE B 60 -14.27 4.16 13.53
CA PHE B 60 -15.26 5.01 14.10
C PHE B 60 -15.79 6.04 13.09
N HIS B 61 -14.89 6.73 12.37
CA HIS B 61 -15.35 7.70 11.37
C HIS B 61 -16.09 7.04 10.24
N THR B 62 -15.54 5.94 9.80
CA THR B 62 -16.08 5.13 8.69
C THR B 62 -17.54 4.72 8.90
N LEU B 63 -17.81 4.29 10.13
CA LEU B 63 -19.11 3.86 10.48
C LEU B 63 -20.07 5.05 10.55
N LEU B 64 -19.60 6.16 11.07
CA LEU B 64 -20.49 7.34 11.14
C LEU B 64 -20.94 7.79 9.79
N ALA B 65 -19.98 7.78 8.85
CA ALA B 65 -20.19 8.11 7.44
C ALA B 65 -21.26 7.21 6.82
N GLU B 66 -21.24 5.95 7.28
CA GLU B 66 -22.22 4.94 6.85
C GLU B 66 -23.64 5.36 7.30
N VAL B 67 -23.68 5.87 8.55
CA VAL B 67 -24.93 6.34 9.00
C VAL B 67 -25.42 7.56 8.25
N CYS B 68 -24.57 8.57 8.02
CA CYS B 68 -25.03 9.87 7.40
C CYS B 68 -25.20 9.93 5.89
N THR B 69 -24.57 8.94 5.22
CA THR B 69 -24.64 8.86 3.76
C THR B 69 -25.54 7.74 3.37
N GLY B 70 -25.62 6.67 4.17
CA GLY B 70 -26.43 5.54 3.75
C GLY B 70 -25.79 4.65 2.67
N VAL B 71 -24.45 4.74 2.50
CA VAL B 71 -23.75 3.91 1.55
C VAL B 71 -22.41 3.47 2.12
N ALA B 72 -21.71 2.60 1.37
CA ALA B 72 -20.38 2.18 1.78
C ALA B 72 -19.54 1.93 0.55
N PRO B 73 -18.31 2.42 0.54
CA PRO B 73 -17.43 2.19 -0.63
C PRO B 73 -17.13 0.67 -0.75
N GLU B 74 -16.80 0.15 -1.96
CA GLU B 74 -16.40 -1.28 -2.22
C GLU B 74 -14.91 -1.51 -1.86
N VAL B 75 -14.56 -2.56 -1.11
CA VAL B 75 -13.13 -2.72 -0.72
C VAL B 75 -12.41 -4.09 -0.80
N ASN B 76 -11.12 -4.12 -0.99
CA ASN B 76 -10.49 -5.44 -1.01
C ASN B 76 -11.22 -6.31 -1.96
N ALA B 77 -11.56 -5.72 -3.07
CA ALA B 77 -12.35 -6.37 -4.08
C ALA B 77 -11.81 -7.68 -4.67
N LYS B 78 -10.49 -7.72 -4.91
CA LYS B 78 -9.84 -8.90 -5.49
C LYS B 78 -9.96 -10.09 -4.57
N ALA B 79 -9.69 -9.81 -3.30
CA ALA B 79 -9.81 -10.78 -2.25
C ALA B 79 -11.25 -11.33 -2.12
N LEU B 80 -12.22 -10.40 -2.23
CA LEU B 80 -13.61 -10.82 -2.21
C LEU B 80 -13.99 -11.59 -3.43
N ALA B 81 -13.48 -11.21 -4.56
CA ALA B 81 -13.88 -11.99 -5.68
C ALA B 81 -13.36 -13.41 -5.59
N TRP B 82 -12.12 -13.56 -5.11
CA TRP B 82 -11.43 -14.83 -4.95
C TRP B 82 -12.22 -15.74 -4.01
N GLY B 83 -12.55 -15.19 -2.85
CA GLY B 83 -13.32 -15.98 -1.91
C GLY B 83 -14.69 -16.28 -2.49
N LYS B 84 -15.16 -15.36 -3.27
CA LYS B 84 -16.44 -15.65 -3.76
C LYS B 84 -16.41 -16.81 -4.70
N GLN B 85 -15.32 -16.90 -5.42
CA GLN B 85 -15.15 -17.97 -6.38
C GLN B 85 -14.99 -19.38 -5.78
N TYR B 86 -14.50 -19.43 -4.56
CA TYR B 86 -14.21 -20.72 -4.00
C TYR B 86 -15.01 -21.20 -2.82
N GLU B 87 -15.81 -20.32 -2.23
CA GLU B 87 -16.61 -20.62 -1.06
C GLU B 87 -17.36 -21.97 -1.22
N ASN B 88 -17.94 -22.19 -2.39
CA ASN B 88 -18.61 -23.46 -2.47
C ASN B 88 -17.70 -24.64 -2.24
N ASP B 89 -16.77 -24.81 -3.16
CA ASP B 89 -15.83 -25.90 -3.10
C ASP B 89 -15.20 -26.01 -1.73
N ALA B 90 -14.97 -24.87 -1.09
CA ALA B 90 -14.40 -24.94 0.24
C ALA B 90 -15.32 -25.59 1.29
N ARG B 91 -16.61 -25.32 1.15
CA ARG B 91 -17.63 -25.77 2.10
C ARG B 91 -17.81 -27.24 2.05
N THR B 92 -17.94 -27.68 0.82
CA THR B 92 -18.13 -29.06 0.51
C THR B 92 -17.00 -29.90 1.07
N LEU B 93 -15.80 -29.41 0.79
CA LEU B 93 -14.66 -30.10 1.23
C LEU B 93 -14.54 -30.13 2.73
N PHE B 94 -14.96 -29.04 3.36
CA PHE B 94 -14.90 -28.96 4.81
C PHE B 94 -15.87 -29.97 5.43
N GLU B 95 -17.00 -30.05 4.79
CA GLU B 95 -18.06 -30.90 5.30
C GLU B 95 -17.59 -32.38 5.39
N PHE B 96 -17.14 -32.82 4.23
CA PHE B 96 -16.65 -34.16 4.01
C PHE B 96 -15.73 -34.57 5.10
N THR B 97 -14.70 -33.81 5.14
CA THR B 97 -13.63 -33.94 6.06
C THR B 97 -14.02 -33.82 7.54
N SER B 98 -14.83 -32.83 7.88
CA SER B 98 -15.12 -32.64 9.30
C SER B 98 -16.19 -33.60 9.70
N GLY B 99 -16.94 -33.99 8.70
CA GLY B 99 -18.07 -34.80 9.02
C GLY B 99 -19.31 -33.94 9.20
N VAL B 100 -19.16 -32.73 9.74
CA VAL B 100 -20.37 -31.94 9.94
C VAL B 100 -21.11 -31.55 8.69
N ASN B 101 -22.37 -31.20 8.91
CA ASN B 101 -23.22 -30.69 7.87
C ASN B 101 -23.34 -29.18 8.15
N VAL B 102 -23.27 -28.40 7.07
CA VAL B 102 -23.25 -26.97 7.22
C VAL B 102 -24.41 -26.24 6.59
N THR B 103 -24.88 -25.27 7.36
CA THR B 103 -25.99 -24.49 6.91
C THR B 103 -25.82 -22.98 6.94
N GLU B 104 -26.41 -22.39 5.92
CA GLU B 104 -26.33 -20.95 5.75
C GLU B 104 -27.02 -20.17 6.79
N SER B 105 -26.34 -19.10 7.17
CA SER B 105 -26.80 -18.12 8.10
C SER B 105 -26.37 -16.73 7.73
N PRO B 106 -27.15 -16.19 6.84
CA PRO B 106 -26.99 -14.83 6.41
C PRO B 106 -26.23 -13.94 7.44
N ILE B 107 -27.05 -13.23 8.25
CA ILE B 107 -26.62 -12.27 9.21
C ILE B 107 -27.41 -12.39 10.50
N ILE B 108 -26.76 -12.08 11.60
CA ILE B 108 -27.43 -12.19 12.85
C ILE B 108 -27.07 -11.07 13.77
N TYR B 109 -28.10 -10.47 14.39
CA TYR B 109 -27.86 -9.38 15.32
C TYR B 109 -27.81 -9.86 16.72
N ARG B 110 -27.03 -9.18 17.51
CA ARG B 110 -27.00 -9.59 18.87
C ARG B 110 -28.34 -9.30 19.54
N ASP B 111 -29.03 -8.24 19.12
CA ASP B 111 -30.24 -7.89 19.80
C ASP B 111 -31.15 -6.99 19.00
N GLU B 112 -32.22 -6.51 19.62
CA GLU B 112 -33.13 -5.65 18.90
C GLU B 112 -32.52 -4.27 18.55
N SER B 113 -31.45 -3.82 19.24
CA SER B 113 -30.84 -2.51 19.00
C SER B 113 -30.22 -2.41 17.61
N MET B 114 -29.99 -3.54 16.97
CA MET B 114 -29.41 -3.59 15.65
C MET B 114 -28.07 -2.90 15.51
N ARG B 115 -27.31 -2.69 16.60
CA ARG B 115 -26.01 -2.03 16.57
C ARG B 115 -24.81 -2.96 16.31
N THR B 116 -25.02 -4.25 16.61
CA THR B 116 -24.04 -5.35 16.65
C THR B 116 -24.45 -6.58 15.86
N ALA B 117 -23.59 -7.09 14.96
CA ALA B 117 -23.92 -8.27 14.16
C ALA B 117 -22.74 -9.09 13.66
N CYS B 118 -23.12 -10.18 13.07
CA CYS B 118 -22.20 -11.10 12.40
C CYS B 118 -22.89 -11.86 11.27
N SER B 119 -22.04 -12.34 10.38
CA SER B 119 -22.46 -12.99 9.17
C SER B 119 -21.62 -14.23 8.94
N PRO B 120 -21.87 -15.23 9.75
CA PRO B 120 -21.15 -16.53 9.74
C PRO B 120 -21.09 -17.19 8.40
N ASP B 121 -19.97 -17.89 8.16
CA ASP B 121 -19.82 -18.64 6.91
C ASP B 121 -20.81 -19.82 6.77
N GLY B 122 -21.25 -20.30 7.92
CA GLY B 122 -22.28 -21.31 8.02
C GLY B 122 -22.57 -21.71 9.45
N LEU B 123 -23.68 -22.45 9.55
CA LEU B 123 -24.15 -23.10 10.80
C LEU B 123 -24.04 -24.64 10.71
N CYS B 124 -23.32 -25.19 11.72
CA CYS B 124 -22.97 -26.60 11.76
C CYS B 124 -23.84 -27.51 12.59
N SER B 125 -24.10 -28.65 11.93
CA SER B 125 -24.87 -29.78 12.44
C SER B 125 -24.61 -30.03 13.94
N ASP B 126 -23.40 -29.71 14.39
CA ASP B 126 -23.05 -29.90 15.76
C ASP B 126 -23.22 -28.67 16.62
N GLY B 127 -23.87 -27.65 16.03
CA GLY B 127 -24.14 -26.38 16.72
C GLY B 127 -22.92 -25.47 16.93
N ASN B 128 -22.01 -25.58 15.99
CA ASN B 128 -20.84 -24.77 16.02
C ASN B 128 -21.01 -23.75 14.91
N GLY B 129 -20.43 -22.56 15.09
CA GLY B 129 -20.45 -21.59 14.03
C GLY B 129 -19.24 -21.91 13.11
N LEU B 130 -19.29 -21.37 11.88
CA LEU B 130 -18.22 -21.56 10.91
C LEU B 130 -17.64 -20.35 10.18
N GLU B 131 -16.32 -20.21 10.32
CA GLU B 131 -15.61 -19.19 9.60
C GLU B 131 -14.72 -19.86 8.60
N LEU B 132 -15.12 -19.73 7.36
CA LEU B 132 -14.35 -20.39 6.38
C LEU B 132 -13.77 -19.44 5.33
N LYS B 133 -12.47 -19.14 5.44
CA LYS B 133 -11.73 -18.31 4.47
C LYS B 133 -10.94 -19.04 3.35
N CYS B 134 -10.80 -18.34 2.25
CA CYS B 134 -9.98 -18.65 1.09
C CYS B 134 -8.95 -17.52 1.00
N PRO B 135 -7.90 -17.63 1.78
CA PRO B 135 -6.84 -16.65 1.76
C PRO B 135 -6.35 -16.36 0.36
N PHE B 136 -6.06 -15.06 0.12
CA PHE B 136 -5.63 -14.53 -1.17
C PHE B 136 -4.22 -15.00 -1.57
N THR B 137 -3.29 -15.11 -0.60
CA THR B 137 -1.99 -15.66 -0.85
C THR B 137 -1.85 -17.05 -0.24
N SER B 138 -1.21 -17.90 -1.01
CA SER B 138 -0.92 -19.26 -0.56
C SER B 138 -0.02 -19.24 0.68
N ARG B 139 0.82 -18.23 0.78
CA ARG B 139 1.71 -18.03 1.93
C ARG B 139 0.98 -18.02 3.29
N ASP B 140 -0.13 -17.28 3.35
CA ASP B 140 -0.96 -17.25 4.54
C ASP B 140 -1.58 -18.60 4.80
N PHE B 141 -2.09 -19.22 3.74
CA PHE B 141 -2.58 -20.55 3.88
C PHE B 141 -1.52 -21.44 4.60
N MET B 142 -0.27 -21.41 4.10
CA MET B 142 0.81 -22.20 4.67
C MET B 142 1.04 -21.85 6.10
N LYS B 143 0.96 -20.57 6.36
CA LYS B 143 1.15 -20.08 7.72
C LYS B 143 0.26 -20.87 8.74
N PHE B 144 -1.03 -20.90 8.43
CA PHE B 144 -1.98 -21.53 9.28
C PHE B 144 -1.82 -23.07 9.29
N ARG B 145 -1.66 -23.60 8.09
CA ARG B 145 -1.54 -25.01 7.89
C ARG B 145 -0.49 -25.61 8.77
N LEU B 146 0.58 -24.86 8.89
CA LEU B 146 1.65 -25.34 9.66
C LEU B 146 1.63 -24.87 11.06
N GLY B 147 1.10 -23.71 11.38
CA GLY B 147 1.27 -23.29 12.78
C GLY B 147 0.04 -23.30 13.66
N GLY B 148 -1.07 -23.67 12.99
CA GLY B 148 -2.42 -23.72 13.55
C GLY B 148 -2.79 -22.46 14.35
N PHE B 149 -3.48 -22.70 15.43
CA PHE B 149 -3.98 -21.74 16.39
C PHE B 149 -3.14 -20.49 16.70
N GLU B 150 -1.94 -20.77 17.16
CA GLU B 150 -1.07 -19.71 17.57
C GLU B 150 -0.61 -18.86 16.42
N ALA B 151 -0.95 -19.31 15.20
CA ALA B 151 -0.67 -18.65 13.92
C ALA B 151 -1.81 -17.74 13.43
N ILE B 152 -2.96 -17.84 14.05
CA ILE B 152 -4.10 -17.04 13.60
C ILE B 152 -3.97 -15.57 14.02
N LYS B 153 -3.98 -14.60 13.07
CA LYS B 153 -3.91 -13.17 13.45
C LYS B 153 -4.95 -12.72 14.53
N SER B 154 -4.47 -11.86 15.41
CA SER B 154 -5.33 -11.29 16.41
C SER B 154 -6.77 -11.01 15.89
N ALA B 155 -6.82 -10.21 14.83
CA ALA B 155 -8.05 -9.80 14.17
C ALA B 155 -8.94 -10.96 13.89
N TYR B 156 -8.33 -12.07 13.41
CA TYR B 156 -9.12 -13.27 13.16
C TYR B 156 -9.61 -13.83 14.47
N MET B 157 -8.80 -13.74 15.49
CA MET B 157 -9.29 -14.22 16.70
C MET B 157 -10.50 -13.40 17.20
N ALA B 158 -10.33 -12.09 17.21
CA ALA B 158 -11.40 -11.17 17.60
C ALA B 158 -12.69 -11.44 16.81
N GLN B 159 -12.51 -11.66 15.51
CA GLN B 159 -13.65 -11.93 14.69
C GLN B 159 -14.36 -13.20 15.20
N VAL B 160 -13.56 -14.20 15.58
CA VAL B 160 -14.10 -15.45 16.06
C VAL B 160 -14.91 -15.32 17.36
N GLN B 161 -14.28 -14.74 18.37
CA GLN B 161 -14.97 -14.53 19.59
C GLN B 161 -16.20 -13.63 19.46
N TYR B 162 -16.09 -12.59 18.65
CA TYR B 162 -17.18 -11.68 18.45
C TYR B 162 -18.39 -12.42 17.99
N SER B 163 -18.14 -13.33 17.10
CA SER B 163 -19.20 -14.17 16.59
C SER B 163 -19.92 -15.05 17.67
N MET B 164 -19.16 -15.57 18.62
CA MET B 164 -19.75 -16.37 19.67
C MET B 164 -20.52 -15.41 20.58
N TRP B 165 -19.91 -14.26 20.93
CA TRP B 165 -20.58 -13.21 21.68
C TRP B 165 -21.96 -12.84 21.07
N VAL B 166 -21.95 -12.68 19.77
CA VAL B 166 -23.18 -12.30 19.14
C VAL B 166 -24.20 -13.42 19.16
N THR B 167 -23.80 -14.64 18.78
CA THR B 167 -24.74 -15.72 18.64
C THR B 167 -24.96 -16.44 19.91
N ARG B 168 -24.19 -16.07 20.89
CA ARG B 168 -24.30 -16.75 22.16
C ARG B 168 -23.72 -18.19 22.19
N LYS B 169 -22.88 -18.57 21.20
CA LYS B 169 -22.32 -19.93 21.20
C LYS B 169 -21.03 -20.21 21.99
N ASN B 170 -20.67 -21.50 22.06
CA ASN B 170 -19.52 -21.99 22.82
C ASN B 170 -18.31 -22.36 22.01
N ALA B 171 -18.54 -22.66 20.72
CA ALA B 171 -17.42 -23.00 19.89
C ALA B 171 -17.71 -22.70 18.42
N TRP B 172 -16.60 -22.50 17.69
CA TRP B 172 -16.66 -22.09 16.30
C TRP B 172 -15.57 -22.74 15.47
N TYR B 173 -15.84 -23.01 14.20
CA TYR B 173 -14.77 -23.57 13.38
C TYR B 173 -14.01 -22.48 12.66
N PHE B 174 -12.68 -22.59 12.69
CA PHE B 174 -11.84 -21.68 11.95
C PHE B 174 -11.11 -22.51 10.94
N ALA B 175 -11.54 -22.37 9.72
CA ALA B 175 -10.94 -23.10 8.66
C ALA B 175 -10.51 -22.25 7.47
N ASN B 176 -9.55 -22.82 6.70
CA ASN B 176 -9.01 -22.24 5.48
C ASN B 176 -8.96 -23.19 4.29
N TYR B 177 -9.25 -22.70 3.11
CA TYR B 177 -9.12 -23.50 1.91
C TYR B 177 -8.22 -22.85 0.81
N ASP B 178 -7.40 -23.65 0.12
CA ASP B 178 -6.63 -23.08 -0.94
C ASP B 178 -6.67 -23.96 -2.11
N PRO B 179 -7.41 -23.54 -3.07
CA PRO B 179 -7.54 -24.37 -4.27
C PRO B 179 -6.20 -24.58 -4.96
N ARG B 180 -5.18 -23.81 -4.56
CA ARG B 180 -3.89 -23.90 -5.24
C ARG B 180 -3.02 -25.03 -4.81
N MET B 181 -3.22 -25.47 -3.57
CA MET B 181 -2.45 -26.55 -3.04
C MET B 181 -2.67 -27.79 -3.87
N LYS B 182 -1.61 -28.44 -4.30
CA LYS B 182 -1.81 -29.64 -5.11
C LYS B 182 -2.51 -30.76 -4.28
N ARG B 183 -2.23 -30.77 -2.97
CA ARG B 183 -2.75 -31.66 -1.99
C ARG B 183 -2.87 -30.82 -0.74
N GLU B 184 -3.56 -31.32 0.27
CA GLU B 184 -3.68 -30.67 1.57
C GLU B 184 -4.15 -29.23 1.60
N GLY B 185 -5.04 -28.88 0.68
CA GLY B 185 -5.57 -27.50 0.59
C GLY B 185 -6.71 -27.08 1.55
N LEU B 186 -6.93 -27.86 2.61
CA LEU B 186 -7.93 -27.63 3.65
C LEU B 186 -7.39 -27.87 5.03
N HIS B 187 -7.59 -26.96 5.94
CA HIS B 187 -7.12 -27.22 7.28
C HIS B 187 -8.02 -26.44 8.23
N TYR B 188 -8.31 -26.99 9.40
CA TYR B 188 -9.14 -26.22 10.29
C TYR B 188 -8.90 -26.58 11.70
N VAL B 189 -9.45 -25.73 12.52
CA VAL B 189 -9.44 -25.87 13.96
C VAL B 189 -10.79 -25.52 14.60
N VAL B 190 -10.82 -25.81 15.88
CA VAL B 190 -11.96 -25.57 16.67
C VAL B 190 -11.65 -24.63 17.80
N ILE B 191 -12.40 -23.53 17.84
CA ILE B 191 -12.12 -22.50 18.80
C ILE B 191 -13.27 -22.40 19.75
N GLU B 192 -12.80 -22.37 20.95
CA GLU B 192 -13.60 -22.31 22.10
C GLU B 192 -13.86 -20.87 22.58
N ARG B 193 -15.12 -20.65 23.01
CA ARG B 193 -15.49 -19.40 23.57
C ARG B 193 -14.52 -18.94 24.67
N ASP B 194 -14.06 -17.70 24.65
CA ASP B 194 -13.14 -17.21 25.70
C ASP B 194 -13.73 -16.07 26.50
N GLU B 195 -13.90 -16.26 27.78
CA GLU B 195 -14.49 -15.22 28.59
C GLU B 195 -13.76 -13.93 28.77
N LYS B 196 -12.47 -13.96 28.65
CA LYS B 196 -11.74 -12.73 28.83
C LYS B 196 -12.21 -11.71 27.78
N TYR B 197 -12.42 -12.28 26.59
CA TYR B 197 -12.93 -11.60 25.40
C TYR B 197 -14.38 -11.10 25.56
N MET B 198 -15.25 -11.95 26.08
CA MET B 198 -16.66 -11.61 26.28
C MET B 198 -16.76 -10.37 27.18
N ALA B 199 -16.02 -10.45 28.26
CA ALA B 199 -15.97 -9.35 29.18
C ALA B 199 -15.64 -8.04 28.47
N SER B 200 -14.64 -8.16 27.60
CA SER B 200 -14.11 -7.07 26.78
C SER B 200 -15.20 -6.45 25.93
N PHE B 201 -15.88 -7.25 25.11
CA PHE B 201 -16.96 -6.68 24.34
C PHE B 201 -17.94 -6.09 25.29
N ASP B 202 -18.25 -6.88 26.31
CA ASP B 202 -19.21 -6.41 27.27
C ASP B 202 -18.84 -5.08 27.78
N GLU B 203 -17.58 -4.79 27.86
CA GLU B 203 -17.36 -3.49 28.41
C GLU B 203 -17.23 -2.35 27.39
N ILE B 204 -16.34 -2.54 26.46
CA ILE B 204 -15.98 -1.57 25.46
C ILE B 204 -17.05 -1.23 24.49
N VAL B 205 -17.57 -2.26 23.90
CA VAL B 205 -18.56 -2.04 22.87
C VAL B 205 -19.61 -1.00 23.21
N PRO B 206 -20.11 -1.07 24.40
CA PRO B 206 -21.15 -0.16 24.76
C PRO B 206 -20.71 1.25 24.81
N GLU B 207 -19.47 1.45 25.19
CA GLU B 207 -19.00 2.81 25.25
C GLU B 207 -18.78 3.38 23.90
N PHE B 208 -18.37 2.51 23.02
CA PHE B 208 -18.16 2.90 21.65
C PHE B 208 -19.47 3.36 21.04
N ILE B 209 -20.46 2.61 21.40
CA ILE B 209 -21.77 2.95 20.89
C ILE B 209 -22.22 4.30 21.40
N GLU B 210 -21.97 4.56 22.68
CA GLU B 210 -22.41 5.84 23.25
C GLU B 210 -21.78 7.00 22.52
N LYS B 211 -20.47 6.88 22.30
CA LYS B 211 -19.73 7.88 21.54
C LYS B 211 -20.25 8.14 20.11
N MET B 212 -20.59 7.09 19.40
CA MET B 212 -21.19 7.32 18.09
C MET B 212 -22.43 8.15 18.25
N ASP B 213 -23.13 7.79 19.31
CA ASP B 213 -24.35 8.51 19.56
C ASP B 213 -24.10 9.99 19.80
N GLU B 214 -23.12 10.33 20.62
CA GLU B 214 -22.85 11.75 20.86
C GLU B 214 -22.50 12.47 19.56
N ALA B 215 -21.58 11.86 18.87
CA ALA B 215 -21.14 12.44 17.65
C ALA B 215 -22.26 12.67 16.68
N LEU B 216 -23.14 11.68 16.56
CA LEU B 216 -24.17 11.93 15.55
C LEU B 216 -25.12 13.06 15.88
N ALA B 217 -25.39 13.14 17.17
CA ALA B 217 -26.32 14.15 17.63
C ALA B 217 -25.74 15.54 17.37
N GLU B 218 -24.44 15.64 17.62
CA GLU B 218 -23.66 16.87 17.35
C GLU B 218 -23.81 17.39 15.91
N ILE B 219 -24.11 16.53 14.97
CA ILE B 219 -24.34 16.98 13.63
C ILE B 219 -25.79 16.71 13.19
N GLY B 220 -26.71 16.53 14.14
CA GLY B 220 -28.10 16.42 13.73
C GLY B 220 -28.59 15.10 13.16
N PHE B 221 -27.84 14.03 13.43
CA PHE B 221 -28.30 12.77 12.94
C PHE B 221 -28.61 11.87 14.09
N VAL B 222 -29.32 10.84 13.73
CA VAL B 222 -29.64 9.82 14.71
C VAL B 222 -29.43 8.46 14.03
N PHE B 223 -28.93 7.49 14.76
CA PHE B 223 -28.73 6.15 14.22
C PHE B 223 -29.99 5.53 13.59
N GLY B 224 -29.87 4.88 12.46
CA GLY B 224 -30.97 4.26 11.78
C GLY B 224 -31.45 5.05 10.59
N GLU B 225 -30.95 6.28 10.49
CA GLU B 225 -31.38 7.06 9.33
C GLU B 225 -30.94 6.35 8.09
N GLN B 226 -29.94 5.47 8.26
CA GLN B 226 -29.46 4.73 7.12
C GLN B 226 -30.51 3.83 6.54
N TRP B 227 -31.57 3.57 7.28
CA TRP B 227 -32.53 2.63 6.77
C TRP B 227 -33.78 3.30 6.35
N ARG B 228 -33.74 4.59 6.33
CA ARG B 228 -34.92 5.30 5.91
C ARG B 228 -35.39 5.01 4.44
N THR C 4 1.17 38.23 -14.22
CA THR C 4 2.50 38.42 -14.81
C THR C 4 2.85 37.46 -16.00
N PRO C 5 1.88 37.44 -16.91
CA PRO C 5 1.85 36.58 -18.07
C PRO C 5 3.04 36.65 -19.00
N ASP C 6 3.42 37.89 -19.34
CA ASP C 6 4.54 38.05 -20.23
C ASP C 6 5.71 37.26 -19.75
N ILE C 7 5.97 37.34 -18.44
CA ILE C 7 7.09 36.56 -17.90
C ILE C 7 6.92 35.07 -18.13
N ILE C 8 5.74 34.58 -17.75
CA ILE C 8 5.45 33.15 -17.90
C ILE C 8 5.56 32.74 -19.35
N LEU C 9 4.98 33.61 -20.12
CA LEU C 9 4.94 33.35 -21.51
C LEU C 9 6.30 33.38 -22.14
N GLN C 10 6.95 34.42 -21.78
CA GLN C 10 8.28 34.48 -22.36
C GLN C 10 9.04 33.30 -21.89
N ARG C 11 8.72 32.89 -20.71
CA ARG C 11 9.54 31.88 -20.21
C ARG C 11 9.20 30.51 -20.67
N THR C 12 7.93 30.18 -20.78
CA THR C 12 7.57 28.80 -21.12
C THR C 12 6.81 28.70 -22.41
N GLY C 13 6.49 29.86 -23.02
CA GLY C 13 5.71 29.93 -24.25
C GLY C 13 4.21 29.64 -24.04
N ILE C 14 3.81 29.52 -22.77
CA ILE C 14 2.44 29.26 -22.41
C ILE C 14 1.75 30.51 -21.96
N ASP C 15 0.47 30.60 -22.34
CA ASP C 15 -0.42 31.71 -21.96
C ASP C 15 -1.30 31.25 -20.81
N VAL C 16 -0.93 31.77 -19.65
CA VAL C 16 -1.61 31.44 -18.42
C VAL C 16 -3.11 31.55 -18.50
N ARG C 17 -3.57 32.59 -19.20
CA ARG C 17 -5.00 32.79 -19.25
C ARG C 17 -5.72 31.59 -19.75
N ALA C 18 -5.18 30.99 -20.77
CA ALA C 18 -5.83 29.81 -21.30
C ALA C 18 -5.77 28.58 -20.39
N VAL C 19 -5.07 28.67 -19.29
CA VAL C 19 -4.93 27.47 -18.50
C VAL C 19 -6.03 27.11 -17.57
N GLU C 20 -6.17 25.79 -17.44
CA GLU C 20 -7.11 25.15 -16.54
C GLU C 20 -6.50 24.04 -15.70
N GLN C 21 -6.86 24.04 -14.39
CA GLN C 21 -6.41 23.03 -13.42
C GLN C 21 -6.61 21.73 -14.20
N GLY C 22 -5.53 20.97 -14.46
CA GLY C 22 -5.64 19.76 -15.29
C GLY C 22 -5.11 19.98 -16.74
N ASP C 23 -5.33 21.17 -17.33
CA ASP C 23 -4.74 21.49 -18.62
C ASP C 23 -3.34 20.82 -18.67
N ASP C 24 -2.92 20.34 -19.82
CA ASP C 24 -1.58 19.75 -19.90
C ASP C 24 -0.46 20.74 -19.54
N ALA C 25 -0.75 22.02 -19.83
CA ALA C 25 0.14 23.13 -19.56
C ALA C 25 0.25 23.35 -18.06
N TRP C 26 -0.92 23.25 -17.45
CA TRP C 26 -1.12 23.34 -16.04
C TRP C 26 -0.01 22.56 -15.33
N HIS C 27 0.12 21.41 -15.86
CA HIS C 27 1.10 20.46 -15.45
C HIS C 27 2.48 20.87 -15.87
N LYS C 28 2.63 21.38 -17.09
CA LYS C 28 3.97 21.75 -17.48
C LYS C 28 4.51 22.88 -16.57
N LEU C 29 3.62 23.75 -16.21
CA LEU C 29 4.05 24.86 -15.40
C LEU C 29 4.47 24.47 -13.98
N ARG C 30 4.19 23.26 -13.55
CA ARG C 30 4.47 22.89 -12.17
C ARG C 30 5.74 22.09 -12.01
N LEU C 31 6.25 21.68 -13.12
CA LEU C 31 7.43 20.86 -13.21
C LEU C 31 8.64 21.52 -12.63
N GLY C 32 9.22 20.85 -11.67
CA GLY C 32 10.41 21.28 -10.93
C GLY C 32 10.09 22.31 -9.84
N VAL C 33 8.79 22.69 -9.80
CA VAL C 33 8.36 23.77 -8.92
C VAL C 33 7.98 23.30 -7.53
N ILE C 34 8.36 24.06 -6.46
CA ILE C 34 7.92 23.76 -5.09
C ILE C 34 6.50 24.31 -4.92
N THR C 35 5.52 23.39 -4.84
CA THR C 35 4.12 23.76 -4.71
C THR C 35 3.59 23.62 -3.29
N ALA C 36 2.44 24.26 -3.04
CA ALA C 36 1.73 24.23 -1.76
C ALA C 36 1.36 22.77 -1.34
N SER C 37 0.77 21.97 -2.21
CA SER C 37 0.46 20.57 -1.87
C SER C 37 1.65 19.75 -1.39
N GLU C 38 2.86 20.14 -1.73
CA GLU C 38 3.94 19.29 -1.35
C GLU C 38 4.96 19.85 -0.37
N VAL C 39 4.87 21.14 -0.04
CA VAL C 39 5.82 21.82 0.84
C VAL C 39 6.03 21.20 2.22
N HIS C 40 5.02 20.49 2.69
CA HIS C 40 5.24 19.81 3.98
C HIS C 40 6.53 19.00 3.99
N ASN C 41 6.81 18.36 2.84
CA ASN C 41 8.02 17.61 2.70
C ASN C 41 9.26 18.43 2.87
N VAL C 42 9.21 19.65 2.37
CA VAL C 42 10.42 20.50 2.40
C VAL C 42 10.72 20.94 3.83
N ILE C 43 9.66 21.12 4.62
CA ILE C 43 9.90 21.63 5.95
C ILE C 43 10.02 20.57 7.01
N ALA C 44 9.88 19.33 6.60
CA ALA C 44 10.03 18.26 7.54
C ALA C 44 11.37 18.35 8.28
N LYS C 45 11.34 18.14 9.58
CA LYS C 45 12.57 18.20 10.36
C LYS C 45 12.87 16.90 11.10
N PRO C 46 14.17 16.59 11.29
CA PRO C 46 14.53 15.40 12.02
C PRO C 46 14.25 15.72 13.49
N ARG C 47 13.67 14.75 14.19
CA ARG C 47 13.38 14.79 15.62
C ARG C 47 14.54 15.44 16.37
N SER C 48 15.69 15.21 15.78
CA SER C 48 16.96 15.73 16.20
C SER C 48 17.99 15.36 15.15
N GLY C 49 18.98 16.25 15.04
CA GLY C 49 20.05 16.13 14.07
C GLY C 49 19.77 17.18 13.01
N LYS C 50 20.56 17.21 11.97
CA LYS C 50 20.28 18.19 10.94
C LYS C 50 19.86 17.51 9.63
N LYS C 51 20.09 16.17 9.59
CA LYS C 51 19.81 15.27 8.47
C LYS C 51 18.41 15.38 7.92
N TRP C 52 18.31 15.58 6.60
CA TRP C 52 17.00 15.71 6.02
C TRP C 52 16.23 14.45 6.23
N PRO C 53 15.02 14.51 6.73
CA PRO C 53 14.24 13.30 6.81
C PRO C 53 14.12 12.64 5.44
N ASP C 54 13.56 11.45 5.48
CA ASP C 54 13.38 10.68 4.27
C ASP C 54 12.43 11.29 3.24
N MET C 55 11.31 11.78 3.77
CA MET C 55 10.26 12.34 2.95
C MET C 55 10.77 13.61 2.30
N LYS C 56 11.77 14.19 2.93
CA LYS C 56 12.38 15.36 2.37
C LYS C 56 13.31 15.02 1.22
N MET C 57 14.23 14.08 1.41
CA MET C 57 15.12 13.61 0.34
C MET C 57 14.36 13.04 -0.85
N SER C 58 13.30 12.44 -0.50
CA SER C 58 12.56 11.85 -1.52
C SER C 58 11.88 12.90 -2.40
N TYR C 59 11.30 13.93 -1.82
CA TYR C 59 10.62 14.97 -2.62
C TYR C 59 11.60 15.73 -3.55
N PHE C 60 12.73 15.99 -2.97
CA PHE C 60 13.88 16.59 -3.54
C PHE C 60 14.27 15.77 -4.79
N HIS C 61 14.34 14.46 -4.59
CA HIS C 61 14.70 13.59 -5.72
C HIS C 61 13.62 13.61 -6.78
N THR C 62 12.38 13.72 -6.40
CA THR C 62 11.27 13.75 -7.36
C THR C 62 11.24 15.00 -8.24
N LEU C 63 11.53 16.08 -7.59
CA LEU C 63 11.59 17.40 -8.20
C LEU C 63 12.71 17.51 -9.29
N LEU C 64 13.94 17.14 -8.89
CA LEU C 64 15.12 17.09 -9.80
C LEU C 64 14.83 16.25 -11.07
N ALA C 65 14.10 15.16 -10.95
CA ALA C 65 13.78 14.31 -12.06
C ALA C 65 12.79 14.98 -12.99
N GLU C 66 11.89 15.79 -12.42
CA GLU C 66 10.89 16.50 -13.25
C GLU C 66 11.68 17.41 -14.17
N VAL C 67 12.70 18.00 -13.60
CA VAL C 67 13.59 18.85 -14.36
C VAL C 67 14.38 18.10 -15.44
N CYS C 68 14.99 16.96 -15.13
CA CYS C 68 15.80 16.30 -16.08
C CYS C 68 15.04 15.43 -17.05
N THR C 69 13.83 14.98 -16.72
CA THR C 69 13.05 14.13 -17.66
C THR C 69 11.97 14.99 -18.34
N GLY C 70 11.50 16.05 -17.71
CA GLY C 70 10.49 16.84 -18.36
C GLY C 70 9.14 16.20 -18.17
N VAL C 71 9.10 15.19 -17.32
CA VAL C 71 7.77 14.63 -17.01
C VAL C 71 7.57 14.41 -15.53
N ALA C 72 6.35 14.06 -15.21
CA ALA C 72 5.98 13.74 -13.82
C ALA C 72 4.99 12.63 -13.87
N PRO C 73 5.19 11.60 -13.08
CA PRO C 73 4.26 10.50 -13.09
C PRO C 73 2.89 10.93 -12.47
N GLU C 74 1.81 10.23 -12.91
CA GLU C 74 0.43 10.47 -12.46
C GLU C 74 0.13 9.77 -11.19
N VAL C 75 -0.62 10.44 -10.39
CA VAL C 75 -0.98 9.86 -9.14
C VAL C 75 -2.46 10.00 -8.84
N ASN C 76 -2.94 9.17 -7.93
CA ASN C 76 -4.32 9.17 -7.49
C ASN C 76 -5.30 9.45 -8.58
N ALA C 77 -5.33 8.63 -9.59
CA ALA C 77 -6.24 8.87 -10.68
C ALA C 77 -7.70 9.07 -10.31
N LYS C 78 -8.25 8.14 -9.53
CA LYS C 78 -9.65 8.18 -9.14
C LYS C 78 -10.07 9.29 -8.20
N ALA C 79 -9.13 9.66 -7.31
CA ALA C 79 -9.31 10.77 -6.38
C ALA C 79 -9.50 12.09 -7.14
N LEU C 80 -8.55 12.29 -8.07
CA LEU C 80 -8.52 13.48 -8.92
C LEU C 80 -9.77 13.60 -9.72
N ALA C 81 -10.11 12.47 -10.27
CA ALA C 81 -11.34 12.33 -11.07
C ALA C 81 -12.64 12.68 -10.30
N TRP C 82 -12.68 12.25 -9.01
CA TRP C 82 -13.79 12.49 -8.09
C TRP C 82 -13.94 14.01 -7.95
N GLY C 83 -12.77 14.63 -7.73
CA GLY C 83 -12.72 16.06 -7.58
C GLY C 83 -13.13 16.82 -8.83
N LYS C 84 -12.63 16.41 -9.99
CA LYS C 84 -13.03 17.11 -11.19
C LYS C 84 -14.50 17.02 -11.22
N GLN C 85 -14.94 15.84 -10.87
CA GLN C 85 -16.35 15.61 -10.91
C GLN C 85 -17.27 16.51 -10.10
N TYR C 86 -16.90 16.83 -8.85
CA TYR C 86 -17.77 17.62 -7.99
C TYR C 86 -17.41 19.10 -7.66
N GLU C 87 -16.22 19.58 -8.06
CA GLU C 87 -15.72 20.91 -7.75
C GLU C 87 -16.71 22.05 -7.96
N ASN C 88 -17.39 22.01 -9.08
CA ASN C 88 -18.36 23.04 -9.41
C ASN C 88 -19.52 23.16 -8.45
N ASP C 89 -20.04 21.99 -8.06
CA ASP C 89 -21.15 21.92 -7.11
C ASP C 89 -20.64 22.38 -5.78
N ALA C 90 -19.46 21.84 -5.46
CA ALA C 90 -18.90 22.28 -4.21
C ALA C 90 -18.78 23.81 -4.18
N ARG C 91 -18.32 24.37 -5.29
CA ARG C 91 -18.07 25.83 -5.40
C ARG C 91 -19.31 26.67 -5.11
N THR C 92 -20.30 26.32 -5.87
CA THR C 92 -21.58 26.97 -5.77
C THR C 92 -22.15 26.96 -4.39
N LEU C 93 -22.22 25.81 -3.87
CA LEU C 93 -22.74 25.69 -2.55
C LEU C 93 -22.01 26.54 -1.53
N PHE C 94 -20.68 26.38 -1.59
CA PHE C 94 -19.78 27.05 -0.69
C PHE C 94 -20.11 28.54 -0.69
N GLU C 95 -20.32 29.01 -1.92
CA GLU C 95 -20.66 30.40 -2.12
C GLU C 95 -22.00 30.67 -1.45
N PHE C 96 -23.00 29.98 -1.98
CA PHE C 96 -24.33 30.12 -1.47
C PHE C 96 -24.24 30.19 0.02
N THR C 97 -23.55 29.23 0.51
CA THR C 97 -23.42 29.23 1.93
C THR C 97 -22.50 30.26 2.58
N SER C 98 -21.30 30.44 2.11
CA SER C 98 -20.40 31.33 2.80
C SER C 98 -20.80 32.75 2.65
N GLY C 99 -21.53 32.99 1.58
CA GLY C 99 -21.91 34.35 1.31
C GLY C 99 -20.95 35.08 0.38
N VAL C 100 -19.84 34.44 -0.07
CA VAL C 100 -18.93 35.15 -0.97
C VAL C 100 -18.94 34.68 -2.38
N ASN C 101 -18.40 35.51 -3.24
CA ASN C 101 -18.30 35.12 -4.60
C ASN C 101 -16.87 34.62 -4.83
N VAL C 102 -16.74 33.52 -5.55
CA VAL C 102 -15.44 32.92 -5.83
C VAL C 102 -15.06 33.04 -7.27
N THR C 103 -13.81 33.28 -7.49
CA THR C 103 -13.37 33.40 -8.83
C THR C 103 -12.09 32.59 -8.98
N GLU C 104 -11.88 32.13 -10.22
CA GLU C 104 -10.75 31.29 -10.64
C GLU C 104 -9.36 31.88 -10.67
N SER C 105 -8.36 31.08 -10.20
CA SER C 105 -6.97 31.48 -10.18
C SER C 105 -5.97 30.47 -10.68
N PRO C 106 -5.57 30.78 -11.89
CA PRO C 106 -4.62 30.06 -12.67
C PRO C 106 -3.55 29.28 -11.91
N ILE C 107 -2.63 30.06 -11.43
CA ILE C 107 -1.48 29.49 -10.82
C ILE C 107 -0.68 30.72 -10.53
N ILE C 108 -0.12 30.82 -9.38
CA ILE C 108 0.61 31.99 -9.07
C ILE C 108 1.92 31.62 -8.50
N TYR C 109 2.96 32.24 -9.03
CA TYR C 109 4.31 32.13 -8.54
C TYR C 109 4.59 33.27 -7.56
N ARG C 110 5.50 33.08 -6.62
CA ARG C 110 5.92 34.12 -5.64
C ARG C 110 6.69 35.30 -6.30
N ASP C 111 7.52 35.00 -7.27
CA ASP C 111 8.34 35.94 -7.98
C ASP C 111 8.75 35.41 -9.34
N GLU C 112 9.60 36.15 -9.98
CA GLU C 112 10.05 35.88 -11.32
C GLU C 112 10.87 34.66 -11.43
N SER C 113 11.50 34.24 -10.36
CA SER C 113 12.30 33.03 -10.42
C SER C 113 11.40 31.84 -10.75
N MET C 114 10.14 31.89 -10.36
CA MET C 114 9.28 30.79 -10.71
C MET C 114 9.68 29.47 -10.03
N ARG C 115 10.36 29.54 -8.88
CA ARG C 115 10.75 28.29 -8.19
C ARG C 115 9.72 27.84 -7.14
N THR C 116 8.69 28.67 -6.87
CA THR C 116 7.69 28.48 -5.86
C THR C 116 6.34 28.94 -6.33
N ALA C 117 5.35 28.12 -6.07
CA ALA C 117 4.01 28.47 -6.54
C ALA C 117 2.87 27.74 -5.82
N CYS C 118 1.66 28.18 -6.09
CA CYS C 118 0.48 27.56 -5.62
C CYS C 118 -0.61 27.69 -6.67
N SER C 119 -1.57 26.79 -6.60
CA SER C 119 -2.74 26.78 -7.48
C SER C 119 -4.03 26.81 -6.65
N PRO C 120 -4.47 27.98 -6.32
CA PRO C 120 -5.66 28.10 -5.53
C PRO C 120 -6.91 27.50 -6.16
N ASP C 121 -7.79 26.95 -5.32
CA ASP C 121 -9.09 26.45 -5.76
C ASP C 121 -10.05 27.60 -6.09
N GLY C 122 -9.79 28.80 -5.58
CA GLY C 122 -10.55 29.98 -5.94
C GLY C 122 -10.03 31.21 -5.23
N LEU C 123 -10.46 32.39 -5.73
CA LEU C 123 -10.12 33.68 -5.11
C LEU C 123 -11.39 34.38 -4.64
N CYS C 124 -11.50 34.61 -3.35
CA CYS C 124 -12.73 35.12 -2.72
C CYS C 124 -12.98 36.61 -2.66
N SER C 125 -14.25 36.95 -2.86
CA SER C 125 -14.68 38.34 -2.89
C SER C 125 -14.28 39.10 -1.65
N ASP C 126 -14.09 38.40 -0.59
CA ASP C 126 -13.69 39.12 0.58
C ASP C 126 -12.19 39.14 0.70
N GLY C 127 -11.48 38.78 -0.37
CA GLY C 127 -10.00 38.78 -0.31
C GLY C 127 -9.28 37.50 0.18
N ASN C 128 -10.02 36.44 0.45
CA ASN C 128 -9.34 35.28 0.88
C ASN C 128 -9.23 34.36 -0.27
N GLY C 129 -8.25 33.53 -0.16
CA GLY C 129 -8.07 32.44 -1.07
C GLY C 129 -8.97 31.29 -0.60
N LEU C 130 -9.21 30.36 -1.52
CA LEU C 130 -9.97 29.19 -1.22
C LEU C 130 -9.29 27.87 -1.56
N GLU C 131 -9.24 26.95 -0.60
CA GLU C 131 -8.79 25.53 -0.77
C GLU C 131 -10.05 24.69 -0.60
N LEU C 132 -10.49 24.02 -1.66
CA LEU C 132 -11.73 23.29 -1.55
C LEU C 132 -11.73 21.88 -2.15
N LYS C 133 -11.72 20.93 -1.19
CA LYS C 133 -11.63 19.49 -1.39
C LYS C 133 -12.88 18.69 -1.32
N CYS C 134 -12.86 17.71 -2.17
CA CYS C 134 -13.90 16.74 -2.22
C CYS C 134 -13.29 15.45 -1.88
N PRO C 135 -13.03 15.25 -0.63
CA PRO C 135 -12.43 14.01 -0.15
C PRO C 135 -13.01 12.76 -0.80
N PHE C 136 -12.13 11.82 -1.00
CA PHE C 136 -12.46 10.60 -1.69
C PHE C 136 -13.29 9.62 -0.84
N THR C 137 -12.91 9.48 0.45
CA THR C 137 -13.66 8.73 1.45
C THR C 137 -14.54 9.61 2.32
N SER C 138 -15.83 9.23 2.44
CA SER C 138 -16.67 9.99 3.38
C SER C 138 -16.06 9.89 4.78
N ARG C 139 -15.29 8.83 5.00
CA ARG C 139 -14.65 8.75 6.29
C ARG C 139 -13.83 10.03 6.60
N ASP C 140 -13.09 10.51 5.61
CA ASP C 140 -12.31 11.71 5.85
C ASP C 140 -13.14 12.96 6.01
N PHE C 141 -14.23 13.10 5.24
CA PHE C 141 -15.12 14.23 5.51
C PHE C 141 -15.57 14.22 6.98
N MET C 142 -16.00 13.04 7.50
CA MET C 142 -16.49 12.98 8.89
C MET C 142 -15.51 13.50 9.85
N LYS C 143 -14.29 13.10 9.58
CA LYS C 143 -13.15 13.49 10.40
C LYS C 143 -12.99 14.99 10.49
N PHE C 144 -13.08 15.63 9.31
CA PHE C 144 -13.00 17.07 9.24
C PHE C 144 -14.26 17.69 9.89
N ARG C 145 -15.40 17.32 9.41
CA ARG C 145 -16.63 17.83 9.96
C ARG C 145 -16.75 17.81 11.48
N LEU C 146 -16.32 16.75 12.08
CA LEU C 146 -16.44 16.74 13.52
C LEU C 146 -15.28 17.38 14.29
N GLY C 147 -14.05 17.20 13.85
CA GLY C 147 -12.88 17.69 14.57
C GLY C 147 -12.41 19.07 14.18
N GLY C 148 -12.88 19.46 13.01
CA GLY C 148 -12.58 20.75 12.45
C GLY C 148 -11.07 20.96 12.42
N PHE C 149 -10.74 22.18 12.73
CA PHE C 149 -9.39 22.68 12.76
C PHE C 149 -8.36 21.67 13.21
N GLU C 150 -8.57 21.18 14.40
CA GLU C 150 -7.57 20.28 14.86
C GLU C 150 -7.60 18.88 14.22
N ALA C 151 -8.58 18.67 13.35
CA ALA C 151 -8.73 17.45 12.60
C ALA C 151 -7.80 17.53 11.37
N ILE C 152 -7.95 18.61 10.54
CA ILE C 152 -7.14 19.02 9.37
C ILE C 152 -5.65 18.59 9.50
N LYS C 153 -5.10 17.90 8.52
CA LYS C 153 -3.69 17.59 8.74
C LYS C 153 -2.58 18.61 8.46
N SER C 154 -1.51 18.41 9.22
CA SER C 154 -0.31 19.17 9.13
C SER C 154 0.13 19.44 7.68
N ALA C 155 -0.10 18.42 6.85
CA ALA C 155 0.31 18.52 5.48
C ALA C 155 -0.56 19.50 4.80
N TYR C 156 -1.82 19.46 5.25
CA TYR C 156 -2.82 20.42 4.80
C TYR C 156 -2.59 21.81 5.47
N MET C 157 -1.97 21.87 6.65
CA MET C 157 -1.87 23.20 7.19
C MET C 157 -0.76 23.90 6.42
N ALA C 158 0.33 23.14 6.22
CA ALA C 158 1.45 23.65 5.45
C ALA C 158 1.03 24.14 4.07
N GLN C 159 0.06 23.44 3.51
CA GLN C 159 -0.42 23.84 2.22
C GLN C 159 -1.09 25.22 2.15
N VAL C 160 -1.98 25.42 3.12
CA VAL C 160 -2.73 26.64 3.29
C VAL C 160 -1.82 27.79 3.61
N GLN C 161 -0.90 27.55 4.51
CA GLN C 161 0.06 28.59 4.87
C GLN C 161 0.98 29.01 3.71
N TYR C 162 1.53 28.00 2.98
CA TYR C 162 2.39 28.23 1.81
C TYR C 162 1.65 29.04 0.75
N SER C 163 0.35 28.81 0.56
CA SER C 163 -0.43 29.62 -0.38
C SER C 163 -0.49 31.08 0.04
N MET C 164 -0.62 31.31 1.34
CA MET C 164 -0.66 32.68 1.81
C MET C 164 0.74 33.33 1.66
N TRP C 165 1.80 32.51 1.81
CA TRP C 165 3.18 32.99 1.65
C TRP C 165 3.46 33.43 0.19
N VAL C 166 3.00 32.60 -0.74
CA VAL C 166 3.15 32.87 -2.15
C VAL C 166 2.30 34.04 -2.59
N THR C 167 1.09 34.14 -2.12
CA THR C 167 0.19 35.20 -2.58
C THR C 167 0.23 36.44 -1.80
N ARG C 168 1.00 36.45 -0.72
CA ARG C 168 1.08 37.57 0.17
C ARG C 168 -0.27 37.89 0.79
N LYS C 169 -1.05 36.82 1.13
CA LYS C 169 -2.35 36.98 1.79
C LYS C 169 -2.41 36.68 3.28
N ASN C 170 -3.53 37.14 3.83
CA ASN C 170 -3.74 37.05 5.28
C ASN C 170 -4.73 35.99 5.82
N ALA C 171 -5.57 35.45 4.95
CA ALA C 171 -6.47 34.45 5.39
C ALA C 171 -6.92 33.61 4.21
N TRP C 172 -7.28 32.37 4.53
CA TRP C 172 -7.68 31.36 3.55
C TRP C 172 -8.85 30.49 4.04
N TYR C 173 -9.73 30.21 3.13
CA TYR C 173 -10.75 29.29 3.53
C TYR C 173 -10.24 27.90 3.26
N PHE C 174 -10.54 26.98 4.20
CA PHE C 174 -10.27 25.56 4.02
C PHE C 174 -11.62 24.85 4.13
N ALA C 175 -12.16 24.42 3.01
CA ALA C 175 -13.46 23.77 2.96
C ALA C 175 -13.44 22.27 2.52
N ASN C 176 -14.53 21.46 2.81
CA ASN C 176 -14.78 20.08 2.27
C ASN C 176 -16.20 19.96 1.71
N TYR C 177 -16.34 19.13 0.68
CA TYR C 177 -17.64 18.80 0.14
C TYR C 177 -17.81 17.30 -0.07
N ASP C 178 -18.99 16.80 0.29
CA ASP C 178 -19.32 15.39 0.08
C ASP C 178 -20.76 15.22 -0.35
N PRO C 179 -20.93 14.91 -1.63
CA PRO C 179 -22.27 14.82 -2.26
C PRO C 179 -23.08 13.65 -1.73
N ARG C 180 -22.42 12.77 -0.99
CA ARG C 180 -22.98 11.55 -0.42
C ARG C 180 -23.73 11.71 0.91
N MET C 181 -23.35 12.73 1.69
CA MET C 181 -23.95 13.06 2.97
C MET C 181 -25.37 13.45 2.71
N LYS C 182 -26.27 12.92 3.51
CA LYS C 182 -27.70 13.21 3.30
C LYS C 182 -28.04 14.67 3.55
N ARG C 183 -27.24 15.25 4.43
CA ARG C 183 -27.29 16.61 4.88
C ARG C 183 -25.89 16.91 5.44
N GLU C 184 -25.61 18.20 5.72
CA GLU C 184 -24.32 18.56 6.30
C GLU C 184 -23.09 18.27 5.45
N GLY C 185 -23.27 18.21 4.11
CA GLY C 185 -22.20 17.86 3.08
C GLY C 185 -21.04 18.86 2.82
N LEU C 186 -21.22 20.07 3.29
CA LEU C 186 -20.25 21.12 3.19
C LEU C 186 -19.87 21.62 4.55
N HIS C 187 -18.55 21.71 4.79
CA HIS C 187 -17.97 22.23 6.02
C HIS C 187 -16.72 23.04 5.72
N TYR C 188 -16.49 24.17 6.42
CA TYR C 188 -15.25 24.87 6.27
C TYR C 188 -14.84 25.72 7.45
N VAL C 189 -13.66 26.27 7.35
CA VAL C 189 -13.10 27.14 8.36
C VAL C 189 -12.21 28.19 7.72
N VAL C 190 -11.86 29.13 8.54
CA VAL C 190 -11.06 30.17 7.98
C VAL C 190 -9.74 30.09 8.63
N ILE C 191 -8.68 30.13 7.84
CA ILE C 191 -7.38 30.06 8.45
C ILE C 191 -6.68 31.39 8.25
N GLU C 192 -6.06 31.83 9.30
CA GLU C 192 -5.32 33.07 9.33
C GLU C 192 -3.85 32.79 9.10
N ARG C 193 -3.20 33.74 8.42
CA ARG C 193 -1.79 33.67 8.16
C ARG C 193 -1.00 33.53 9.49
N ASP C 194 -0.05 32.61 9.60
CA ASP C 194 0.77 32.40 10.75
C ASP C 194 2.25 32.68 10.51
N GLU C 195 2.78 33.71 11.17
CA GLU C 195 4.17 34.03 10.93
C GLU C 195 5.20 33.01 11.21
N LYS C 196 4.85 32.01 12.01
CA LYS C 196 5.81 30.94 12.32
C LYS C 196 6.05 30.12 11.10
N TYR C 197 4.93 29.81 10.43
CA TYR C 197 5.09 29.13 9.15
C TYR C 197 5.85 30.03 8.18
N MET C 198 5.43 31.30 8.13
CA MET C 198 6.08 32.23 7.24
C MET C 198 7.59 32.18 7.41
N ALA C 199 8.00 32.32 8.68
CA ALA C 199 9.44 32.31 8.91
C ALA C 199 10.06 30.98 8.54
N SER C 200 9.31 29.89 8.60
CA SER C 200 9.92 28.65 8.21
C SER C 200 10.29 28.66 6.74
N PHE C 201 9.30 29.04 5.96
CA PHE C 201 9.45 29.08 4.50
C PHE C 201 10.61 29.95 4.08
N ASP C 202 10.66 31.16 4.69
CA ASP C 202 11.70 32.10 4.38
C ASP C 202 13.05 31.57 4.68
N GLU C 203 13.07 30.69 5.62
CA GLU C 203 14.37 30.17 5.97
C GLU C 203 14.80 28.94 5.20
N ILE C 204 13.90 27.97 5.17
CA ILE C 204 14.20 26.69 4.61
C ILE C 204 14.08 26.56 3.11
N VAL C 205 12.96 27.07 2.54
CA VAL C 205 12.74 27.02 1.08
C VAL C 205 13.94 27.46 0.19
N PRO C 206 14.53 28.58 0.48
CA PRO C 206 15.65 29.02 -0.30
C PRO C 206 16.82 28.06 -0.22
N GLU C 207 16.99 27.45 0.96
CA GLU C 207 18.07 26.47 1.17
C GLU C 207 17.87 25.20 0.31
N PHE C 208 16.63 24.76 0.23
CA PHE C 208 16.25 23.65 -0.61
C PHE C 208 16.60 23.92 -2.11
N ILE C 209 16.26 25.14 -2.60
CA ILE C 209 16.49 25.60 -3.99
C ILE C 209 17.94 25.57 -4.33
N GLU C 210 18.75 26.09 -3.42
CA GLU C 210 20.19 26.05 -3.64
C GLU C 210 20.78 24.64 -3.73
N LYS C 211 20.33 23.75 -2.85
CA LYS C 211 20.84 22.38 -2.96
C LYS C 211 20.40 21.81 -4.31
N MET C 212 19.15 22.14 -4.70
CA MET C 212 18.65 21.62 -6.01
C MET C 212 19.60 22.05 -7.12
N ASP C 213 19.96 23.31 -7.07
CA ASP C 213 20.81 23.77 -8.12
C ASP C 213 22.15 23.14 -8.03
N GLU C 214 22.63 23.00 -6.83
CA GLU C 214 23.90 22.34 -6.83
C GLU C 214 23.85 20.95 -7.50
N ALA C 215 22.83 20.19 -7.16
CA ALA C 215 22.68 18.85 -7.69
C ALA C 215 22.52 18.86 -9.17
N LEU C 216 21.68 19.74 -9.72
CA LEU C 216 21.53 19.84 -11.20
C LEU C 216 22.90 20.08 -11.86
N ALA C 217 23.62 20.95 -11.18
CA ALA C 217 24.94 21.26 -11.69
C ALA C 217 25.81 20.04 -11.71
N GLU C 218 25.76 19.28 -10.63
CA GLU C 218 26.58 18.06 -10.58
C GLU C 218 26.22 17.11 -11.72
N ILE C 219 24.99 17.07 -12.07
CA ILE C 219 24.81 16.15 -13.13
C ILE C 219 24.65 16.79 -14.47
N GLY C 220 24.86 18.09 -14.53
CA GLY C 220 24.83 18.61 -15.88
C GLY C 220 23.55 19.13 -16.41
N PHE C 221 22.62 19.52 -15.56
CA PHE C 221 21.42 20.18 -16.07
C PHE C 221 21.33 21.54 -15.42
N VAL C 222 20.35 22.34 -15.89
CA VAL C 222 20.10 23.65 -15.32
C VAL C 222 18.58 23.88 -15.18
N PHE C 223 18.19 24.43 -14.03
CA PHE C 223 16.78 24.61 -13.80
C PHE C 223 16.11 25.31 -14.99
N GLY C 224 14.96 24.84 -15.49
CA GLY C 224 14.29 25.55 -16.61
C GLY C 224 14.39 24.78 -17.96
N GLU C 225 15.35 23.89 -18.05
CA GLU C 225 15.47 23.11 -19.25
C GLU C 225 14.13 22.46 -19.50
N GLN C 226 13.38 22.10 -18.44
CA GLN C 226 12.10 21.41 -18.59
C GLN C 226 11.09 22.20 -19.42
N TRP C 227 11.33 23.48 -19.55
CA TRP C 227 10.36 24.32 -20.22
C TRP C 227 10.80 24.60 -21.61
N ARG C 228 11.81 23.86 -22.06
CA ARG C 228 12.45 24.05 -23.39
C ARG C 228 13.15 25.42 -23.42
P PO4 D . 17.96 -12.55 -8.88
O1 PO4 D . 17.97 -11.36 -8.07
O2 PO4 D . 17.26 -13.58 -8.09
O3 PO4 D . 19.36 -12.95 -9.12
O4 PO4 D . 17.32 -12.40 -10.21
C ACT E . 26.63 -8.91 7.29
O ACT E . 25.83 -9.83 6.93
OXT ACT E . 27.87 -8.86 7.10
CH3 ACT E . 25.97 -7.71 7.91
P PO4 F . -18.61 -10.79 9.86
O1 PO4 F . -17.58 -11.77 10.22
O2 PO4 F . -17.99 -9.47 9.98
O3 PO4 F . -19.77 -10.93 10.79
O4 PO4 F . -19.06 -11.02 8.49
C ACT G . -8.45 -9.43 24.99
O ACT G . -9.18 -8.44 24.66
OXT ACT G . -8.80 -10.43 25.67
CH3 ACT G . -7.02 -9.44 24.53
P PO4 H . -1.28 23.55 -4.73
O1 PO4 H . -1.82 23.01 -3.46
O2 PO4 H . 0.16 23.16 -4.85
O3 PO4 H . -1.50 25.00 -4.66
O4 PO4 H . -2.02 23.00 -5.89
C ACT I . 6.12 26.07 12.17
O ACT I . 5.19 26.63 11.56
OXT ACT I . 6.88 25.19 11.66
CH3 ACT I . 6.29 26.48 13.62
C ACT J . 6.01 35.83 -12.14
O ACT J . 4.99 35.58 -11.48
OXT ACT J . 6.84 36.70 -11.86
CH3 ACT J . 6.14 35.17 -13.49
#